data_8FAY
#
_entry.id   8FAY
#
_cell.length_a   87.686
_cell.length_b   116.422
_cell.length_c   118.378
_cell.angle_alpha   90.000
_cell.angle_beta   90.000
_cell.angle_gamma   90.000
#
_symmetry.space_group_name_H-M   'P 21 21 21'
#
loop_
_entity.id
_entity.type
_entity.pdbx_description
1 polymer 'Adenine DNA glycosylase'
2 polymer "DNA (5'-D(*AP*AP*GP*AP*CP*(8OG)P*TP*GP*GP*AP*C)-3')"
3 polymer "DNA (5'-D(P*GP*TP*CP*CP*AP*(NR1)P*GP*TP*CP*T)-3')"
4 non-polymer 'IRON/SULFUR CLUSTER'
5 non-polymer 'SULFATE ION'
6 water water
#
loop_
_entity_poly.entity_id
_entity_poly.type
_entity_poly.pdbx_seq_one_letter_code
_entity_poly.pdbx_strand_id
1 'polypeptide(L)'
;GHMACDGLARQPEEVVLQASVSSYHLFRDVAEVTAFRGSLLSWYDQEKRDLPWRRRAEDEMDLDRRAYAVWVSEVMLQQT
QVATVINYYTGWMQKWPTLQDLASASLEEVNQLWAGLGYYSRGRRLQEGARKVVEELGGHMPRTAETLQQLLPGVGRYTA
GAIASIAFGQATGVVDGNVARVLCRVRAIGADPSSTLVSQQLWGLAQQLVDPARPGDFNQAAMELGATVCTPQRPLCSQC
PVESLCRARQRVEQEQLLASGSLSGSPDVEECAPNTGQCHLCLPPSEPWDQTLGVVNFPRKASRKPPREESSATCVLEQP
GALGAQILLVQRPNSGLLAGLWEFPSVTWEPSEQLQRKALLQELQRWAGPLPATHLRHLGEVVHTFSHIKLTYQVYGLAL
EGQTPVTTVPPGARWLTQEEFHTAAVSTAMKKVFRVYQGQQPGTCMGSKRSQVSSPCSR
;
A,D
2 'polydeoxyribonucleotide' (DA)(DA)(DG)(DA)(DC)(8OG)(DT)(DG)(DG)(DA)(DC) B,E
3 'polydeoxyribonucleotide' (DT)(DG)(DT)(DC)(DC)(DA)(NR1)(DG)(DT)(DC)(DT) C,F
#
# COMPACT_ATOMS: atom_id res chain seq x y z
N LEU A 26 -0.14 -39.77 -1.16
CA LEU A 26 -0.22 -39.52 -2.61
C LEU A 26 -1.59 -39.87 -3.18
N PHE A 27 -1.91 -39.36 -4.37
CA PHE A 27 -3.22 -39.61 -4.97
C PHE A 27 -3.39 -41.10 -5.26
N ARG A 28 -4.51 -41.69 -4.82
CA ARG A 28 -4.69 -43.12 -4.98
C ARG A 28 -5.41 -43.50 -6.27
N ASP A 29 -5.98 -42.52 -6.98
CA ASP A 29 -6.84 -42.78 -8.15
C ASP A 29 -6.28 -42.06 -9.36
N VAL A 30 -5.88 -42.84 -10.38
CA VAL A 30 -5.31 -42.27 -11.60
C VAL A 30 -6.30 -41.34 -12.29
N ALA A 31 -7.59 -41.59 -12.13
CA ALA A 31 -8.59 -40.73 -12.75
C ALA A 31 -8.47 -39.29 -12.25
N GLU A 32 -8.22 -39.13 -10.95
CA GLU A 32 -8.12 -37.81 -10.33
C GLU A 32 -6.87 -37.07 -10.81
N VAL A 33 -5.73 -37.76 -10.82
CA VAL A 33 -4.49 -37.16 -11.34
C VAL A 33 -4.75 -36.59 -12.73
N THR A 34 -5.40 -37.37 -13.59
CA THR A 34 -5.67 -36.91 -14.94
C THR A 34 -6.57 -35.66 -14.96
N ALA A 35 -7.61 -35.65 -14.12
CA ALA A 35 -8.54 -34.53 -14.08
C ALA A 35 -7.88 -33.29 -13.51
N PHE A 36 -7.04 -33.47 -12.49
CA PHE A 36 -6.30 -32.36 -11.92
C PHE A 36 -5.52 -31.62 -13.01
N ARG A 37 -4.69 -32.36 -13.76
CA ARG A 37 -3.90 -31.76 -14.84
C ARG A 37 -4.76 -31.08 -15.89
N GLY A 38 -5.82 -31.74 -16.34
CA GLY A 38 -6.61 -31.17 -17.40
C GLY A 38 -7.29 -29.88 -16.96
N SER A 39 -7.86 -29.90 -15.76
CA SER A 39 -8.54 -28.71 -15.22
C SER A 39 -7.56 -27.55 -15.07
N LEU A 40 -6.41 -27.83 -14.45
CA LEU A 40 -5.45 -26.78 -14.15
C LEU A 40 -4.89 -26.16 -15.43
N LEU A 41 -4.51 -27.00 -16.39
CA LEU A 41 -3.92 -26.49 -17.61
C LEU A 41 -4.95 -25.77 -18.45
N SER A 42 -6.18 -26.27 -18.45
CA SER A 42 -7.25 -25.57 -19.14
C SER A 42 -7.49 -24.20 -18.53
N TRP A 43 -7.50 -24.10 -17.20
CA TRP A 43 -7.66 -22.80 -16.55
C TRP A 43 -6.48 -21.89 -16.85
N TYR A 44 -5.27 -22.43 -16.73
CA TYR A 44 -4.07 -21.66 -16.98
C TYR A 44 -4.04 -21.09 -18.39
N ASP A 45 -4.35 -21.93 -19.39
CA ASP A 45 -4.35 -21.44 -20.77
C ASP A 45 -5.31 -20.29 -20.93
N GLN A 46 -6.34 -20.23 -20.12
CA GLN A 46 -7.30 -19.13 -20.24
C GLN A 46 -6.98 -17.94 -19.32
N GLU A 47 -6.40 -18.16 -18.13
CA GLU A 47 -6.31 -17.09 -17.11
C GLU A 47 -4.89 -16.61 -16.81
N LYS A 48 -3.87 -17.17 -17.44
CA LYS A 48 -2.51 -16.86 -16.99
C LYS A 48 -2.22 -15.39 -17.20
N ARG A 49 -1.40 -14.86 -16.30
CA ARG A 49 -0.92 -13.50 -16.41
C ARG A 49 0.08 -13.39 -17.56
N ASP A 50 0.19 -12.17 -18.12
CA ASP A 50 1.17 -11.87 -19.16
C ASP A 50 2.47 -11.43 -18.48
N LEU A 51 3.40 -12.36 -18.29
CA LEU A 51 4.61 -12.04 -17.56
C LEU A 51 5.82 -12.03 -18.49
N PRO A 52 6.74 -11.08 -18.31
CA PRO A 52 7.81 -10.89 -19.32
C PRO A 52 8.66 -12.12 -19.52
N TRP A 53 8.98 -12.86 -18.46
CA TRP A 53 9.86 -14.02 -18.62
C TRP A 53 9.13 -15.22 -19.21
N ARG A 54 7.83 -15.27 -19.03
CA ARG A 54 7.00 -16.30 -19.68
C ARG A 54 7.03 -16.15 -21.19
N ARG A 55 6.75 -14.93 -21.66
CA ARG A 55 6.80 -14.60 -23.08
C ARG A 55 8.16 -14.90 -23.65
N ARG A 56 9.21 -14.42 -22.95
CA ARG A 56 10.56 -14.53 -23.47
C ARG A 56 10.97 -16.00 -23.60
N ALA A 57 10.68 -16.83 -22.60
CA ALA A 57 10.98 -18.28 -22.71
C ALA A 57 10.20 -18.95 -23.84
N GLU A 58 8.90 -18.69 -23.93
CA GLU A 58 8.09 -19.32 -24.96
C GLU A 58 8.53 -18.90 -26.36
N ASP A 59 9.07 -17.70 -26.50
CA ASP A 59 9.39 -17.17 -27.81
C ASP A 59 10.83 -17.41 -28.23
N GLU A 60 11.69 -17.82 -27.30
CA GLU A 60 13.09 -18.04 -27.63
C GLU A 60 13.26 -19.44 -28.23
N MET A 61 13.83 -19.53 -29.43
CA MET A 61 13.96 -20.84 -30.06
C MET A 61 15.31 -21.52 -29.81
N ASP A 62 16.33 -20.77 -29.41
CA ASP A 62 17.62 -21.38 -29.06
C ASP A 62 17.60 -21.85 -27.61
N LEU A 63 18.02 -23.09 -27.37
CA LEU A 63 17.75 -23.71 -26.07
C LEU A 63 18.64 -23.13 -24.97
N ASP A 64 19.88 -22.77 -25.29
CA ASP A 64 20.73 -22.18 -24.27
C ASP A 64 20.29 -20.76 -23.91
N ARG A 65 19.76 -20.02 -24.88
CA ARG A 65 19.18 -18.72 -24.60
C ARG A 65 17.88 -18.84 -23.81
N ARG A 66 17.06 -19.83 -24.14
CA ARG A 66 15.80 -20.02 -23.42
C ARG A 66 16.06 -20.40 -21.98
N ALA A 67 16.97 -21.35 -21.78
CA ALA A 67 17.28 -21.82 -20.44
C ALA A 67 17.88 -20.70 -19.58
N TYR A 68 18.72 -19.87 -20.18
CA TYR A 68 19.30 -18.74 -19.46
C TYR A 68 18.18 -17.74 -19.07
N ALA A 69 17.24 -17.50 -19.97
CA ALA A 69 16.15 -16.56 -19.67
C ALA A 69 15.29 -17.07 -18.53
N VAL A 70 15.07 -18.37 -18.48
CA VAL A 70 14.30 -18.95 -17.38
C VAL A 70 15.13 -18.91 -16.10
N TRP A 71 16.41 -19.25 -16.20
CA TRP A 71 17.29 -19.23 -15.05
C TRP A 71 17.25 -17.86 -14.38
N VAL A 72 17.43 -16.79 -15.15
CA VAL A 72 17.48 -15.47 -14.54
C VAL A 72 16.18 -15.17 -13.82
N SER A 73 15.05 -15.49 -14.45
CA SER A 73 13.77 -15.11 -13.86
C SER A 73 13.51 -15.88 -12.56
N GLU A 74 13.88 -17.16 -12.54
CA GLU A 74 13.63 -18.02 -11.39
C GLU A 74 14.56 -17.69 -10.22
N VAL A 75 15.77 -17.21 -10.50
CA VAL A 75 16.61 -16.70 -9.42
C VAL A 75 16.01 -15.41 -8.86
N MET A 76 15.62 -14.47 -9.74
CA MET A 76 15.03 -13.22 -9.28
C MET A 76 13.77 -13.45 -8.47
N LEU A 77 13.00 -14.49 -8.81
CA LEU A 77 11.76 -14.79 -8.11
C LEU A 77 11.95 -15.51 -6.77
N GLN A 78 13.13 -15.98 -6.42
CA GLN A 78 13.30 -16.60 -5.09
C GLN A 78 13.00 -15.58 -3.99
N GLN A 79 12.02 -15.89 -3.15
CA GLN A 79 11.65 -15.04 -2.02
C GLN A 79 11.39 -13.60 -2.47
N THR A 80 10.87 -13.43 -3.67
CA THR A 80 10.65 -12.11 -4.23
C THR A 80 9.40 -12.17 -5.07
N GLN A 81 8.56 -11.15 -4.92
CA GLN A 81 7.26 -11.17 -5.54
C GLN A 81 7.35 -10.77 -7.01
N VAL A 82 6.48 -11.40 -7.80
CA VAL A 82 6.37 -11.14 -9.24
C VAL A 82 6.32 -9.64 -9.54
N ALA A 83 5.47 -8.89 -8.83
CA ALA A 83 5.36 -7.45 -9.08
C ALA A 83 6.69 -6.74 -8.87
N THR A 84 7.54 -7.26 -7.98
CA THR A 84 8.86 -6.64 -7.84
C THR A 84 9.78 -7.02 -9.00
N VAL A 85 9.76 -8.30 -9.40
CA VAL A 85 10.70 -8.77 -10.42
C VAL A 85 10.41 -8.12 -11.77
N ILE A 86 9.14 -7.78 -12.05
CA ILE A 86 8.83 -7.05 -13.29
C ILE A 86 9.70 -5.81 -13.46
N ASN A 87 10.09 -5.20 -12.37
CA ASN A 87 10.88 -3.98 -12.46
C ASN A 87 12.34 -4.22 -12.76
N TYR A 88 12.81 -5.48 -12.75
CA TYR A 88 14.20 -5.82 -12.89
C TYR A 88 14.51 -6.72 -14.07
N TYR A 89 13.59 -7.62 -14.43
CA TYR A 89 13.94 -8.71 -15.35
C TYR A 89 14.29 -8.19 -16.73
N THR A 90 13.39 -7.40 -17.32
CA THR A 90 13.60 -6.95 -18.70
C THR A 90 14.87 -6.11 -18.83
N GLY A 91 15.14 -5.27 -17.84
CA GLY A 91 16.38 -4.51 -17.87
C GLY A 91 17.61 -5.40 -17.84
N TRP A 92 17.57 -6.45 -17.02
CA TRP A 92 18.67 -7.40 -17.00
C TRP A 92 18.86 -8.09 -18.36
N MET A 93 17.77 -8.64 -18.90
CA MET A 93 17.84 -9.41 -20.14
C MET A 93 18.23 -8.53 -21.34
N GLN A 94 17.85 -7.24 -21.31
CA GLN A 94 18.23 -6.35 -22.41
C GLN A 94 19.70 -5.99 -22.32
N LYS A 95 20.24 -5.91 -21.11
CA LYS A 95 21.67 -5.65 -20.98
C LYS A 95 22.52 -6.88 -21.28
N TRP A 96 22.09 -8.03 -20.77
CA TRP A 96 22.84 -9.27 -20.84
C TRP A 96 21.91 -10.33 -21.40
N PRO A 97 21.69 -10.33 -22.72
CA PRO A 97 20.73 -11.28 -23.32
C PRO A 97 21.16 -12.75 -23.31
N THR A 98 22.44 -13.05 -23.14
CA THR A 98 22.94 -14.41 -23.15
C THR A 98 23.87 -14.65 -21.97
N LEU A 99 24.02 -15.95 -21.64
CA LEU A 99 25.10 -16.42 -20.76
C LEU A 99 26.42 -15.70 -20.97
N GLN A 100 26.85 -15.62 -22.23
CA GLN A 100 28.19 -15.12 -22.50
C GLN A 100 28.29 -13.65 -22.14
N ASP A 101 27.23 -12.88 -22.41
CA ASP A 101 27.22 -11.49 -21.99
C ASP A 101 27.31 -11.37 -20.48
N LEU A 102 26.53 -12.16 -19.76
CA LEU A 102 26.59 -12.11 -18.31
C LEU A 102 27.96 -12.54 -17.79
N ALA A 103 28.56 -13.53 -18.45
CA ALA A 103 29.83 -14.06 -17.99
C ALA A 103 30.94 -13.02 -18.05
N SER A 104 30.93 -12.17 -19.09
CA SER A 104 31.93 -11.13 -19.29
C SER A 104 31.69 -9.88 -18.44
N ALA A 105 30.53 -9.73 -17.81
CA ALA A 105 30.28 -8.57 -17.00
C ALA A 105 31.04 -8.64 -15.68
N SER A 106 31.11 -7.50 -15.00
CA SER A 106 31.71 -7.45 -13.68
C SER A 106 30.64 -7.68 -12.60
N LEU A 107 31.10 -8.10 -11.42
CA LEU A 107 30.20 -8.23 -10.28
C LEU A 107 29.68 -6.86 -9.82
N GLU A 108 30.49 -5.80 -9.93
CA GLU A 108 29.98 -4.46 -9.65
C GLU A 108 28.78 -4.15 -10.52
N GLU A 109 28.85 -4.47 -11.82
CA GLU A 109 27.69 -4.17 -12.69
C GLU A 109 26.48 -4.98 -12.28
N VAL A 110 26.70 -6.25 -11.93
CA VAL A 110 25.62 -7.11 -11.45
C VAL A 110 24.98 -6.49 -10.22
N ASN A 111 25.79 -6.01 -9.28
CA ASN A 111 25.24 -5.49 -8.04
C ASN A 111 24.47 -4.20 -8.28
N GLN A 112 24.90 -3.37 -9.24
CA GLN A 112 24.09 -2.22 -9.61
C GLN A 112 22.71 -2.63 -10.08
N LEU A 113 22.62 -3.66 -10.92
CA LEU A 113 21.31 -4.05 -11.41
C LEU A 113 20.50 -4.73 -10.33
N TRP A 114 21.15 -5.41 -9.39
CA TRP A 114 20.39 -6.11 -8.36
C TRP A 114 19.97 -5.18 -7.22
N ALA A 115 20.61 -4.03 -7.07
CA ALA A 115 20.29 -3.12 -5.97
C ALA A 115 18.79 -2.98 -5.77
N GLY A 116 18.34 -3.37 -4.60
CA GLY A 116 16.95 -3.27 -4.27
C GLY A 116 16.22 -4.59 -4.28
N LEU A 117 16.78 -5.62 -4.93
CA LEU A 117 16.09 -6.90 -5.02
C LEU A 117 16.23 -7.69 -3.74
N GLY A 118 17.31 -7.49 -3.00
CA GLY A 118 17.58 -8.26 -1.80
C GLY A 118 18.31 -9.57 -2.11
N TYR A 119 18.76 -10.22 -1.03
CA TYR A 119 19.58 -11.44 -1.09
C TYR A 119 20.58 -11.39 -2.25
N TYR A 120 21.60 -10.56 -2.10
CA TYR A 120 22.50 -10.20 -3.18
C TYR A 120 23.42 -11.34 -3.58
N SER A 121 23.55 -12.39 -2.76
CA SER A 121 24.29 -13.56 -3.26
C SER A 121 23.66 -14.18 -4.51
N ARG A 122 22.34 -13.98 -4.71
CA ARG A 122 21.69 -14.49 -5.93
C ARG A 122 22.32 -13.90 -7.18
N GLY A 123 22.51 -12.58 -7.21
CA GLY A 123 23.13 -11.98 -8.37
C GLY A 123 24.55 -12.50 -8.60
N ARG A 124 25.32 -12.54 -7.53
CA ARG A 124 26.70 -13.01 -7.64
C ARG A 124 26.76 -14.43 -8.22
N ARG A 125 25.93 -15.33 -7.69
CA ARG A 125 25.97 -16.72 -8.14
C ARG A 125 25.43 -16.87 -9.57
N LEU A 126 24.46 -16.04 -9.97
CA LEU A 126 24.03 -16.06 -11.36
C LEU A 126 25.21 -15.79 -12.31
N GLN A 127 26.03 -14.81 -11.99
CA GLN A 127 27.14 -14.49 -12.88
C GLN A 127 28.25 -15.54 -12.79
N GLU A 128 28.55 -16.01 -11.59
CA GLU A 128 29.51 -17.11 -11.43
C GLU A 128 29.05 -18.36 -12.18
N GLY A 129 27.75 -18.65 -12.10
CA GLY A 129 27.20 -19.76 -12.85
C GLY A 129 27.33 -19.60 -14.35
N ALA A 130 27.12 -18.38 -14.85
CA ALA A 130 27.27 -18.13 -16.28
C ALA A 130 28.74 -18.32 -16.71
N ARG A 131 29.66 -17.81 -15.90
CA ARG A 131 31.09 -18.02 -16.14
C ARG A 131 31.43 -19.50 -16.15
N LYS A 132 30.86 -20.27 -15.23
CA LYS A 132 31.10 -21.69 -15.18
C LYS A 132 30.57 -22.40 -16.42
N VAL A 133 29.37 -22.03 -16.89
CA VAL A 133 28.83 -22.67 -18.10
C VAL A 133 29.74 -22.35 -19.28
N VAL A 134 30.20 -21.10 -19.36
CA VAL A 134 31.04 -20.72 -20.49
C VAL A 134 32.39 -21.43 -20.42
N GLU A 135 33.03 -21.41 -19.25
CA GLU A 135 34.40 -21.89 -19.11
C GLU A 135 34.49 -23.41 -18.97
N GLU A 136 33.59 -24.03 -18.21
CA GLU A 136 33.69 -25.44 -17.91
C GLU A 136 32.73 -26.30 -18.73
N LEU A 137 31.69 -25.73 -19.34
CA LEU A 137 30.76 -26.54 -20.12
C LEU A 137 30.61 -26.08 -21.56
N GLY A 138 31.54 -25.26 -22.05
CA GLY A 138 31.49 -24.80 -23.42
C GLY A 138 30.27 -24.00 -23.80
N GLY A 139 29.65 -23.30 -22.86
CA GLY A 139 28.47 -22.51 -23.16
C GLY A 139 27.17 -23.28 -23.18
N HIS A 140 27.20 -24.56 -22.86
CA HIS A 140 26.01 -25.40 -22.97
C HIS A 140 25.37 -25.58 -21.60
N MET A 141 24.13 -25.15 -21.50
CA MET A 141 23.36 -25.35 -20.28
C MET A 141 23.06 -26.84 -20.10
N PRO A 142 23.35 -27.42 -18.95
CA PRO A 142 22.84 -28.78 -18.67
C PRO A 142 21.34 -28.83 -18.89
N ARG A 143 20.83 -30.02 -19.22
CA ARG A 143 19.45 -30.16 -19.70
C ARG A 143 18.55 -30.97 -18.78
N THR A 144 18.99 -31.25 -17.56
CA THR A 144 18.17 -32.00 -16.62
C THR A 144 18.30 -31.35 -15.26
N ALA A 145 17.25 -31.54 -14.46
CA ALA A 145 17.18 -30.88 -13.16
C ALA A 145 18.31 -31.35 -12.25
N GLU A 146 18.69 -32.63 -12.36
CA GLU A 146 19.74 -33.17 -11.50
C GLU A 146 21.07 -32.49 -11.83
N THR A 147 21.39 -32.37 -13.12
CA THR A 147 22.68 -31.77 -13.46
C THR A 147 22.68 -30.25 -13.30
N LEU A 148 21.57 -29.56 -13.60
CA LEU A 148 21.49 -28.16 -13.24
C LEU A 148 21.77 -27.95 -11.77
N GLN A 149 21.09 -28.69 -10.90
CA GLN A 149 21.30 -28.49 -9.48
C GLN A 149 22.73 -28.78 -9.09
N GLN A 150 23.29 -29.88 -9.62
CA GLN A 150 24.64 -30.28 -9.27
C GLN A 150 25.65 -29.21 -9.71
N LEU A 151 25.46 -28.62 -10.89
CA LEU A 151 26.51 -27.79 -11.48
C LEU A 151 26.40 -26.28 -11.22
N LEU A 152 25.20 -25.75 -10.94
CA LEU A 152 25.02 -24.28 -10.93
C LEU A 152 24.83 -23.80 -9.51
N PRO A 153 25.77 -23.03 -8.96
CA PRO A 153 25.50 -22.38 -7.68
C PRO A 153 24.31 -21.44 -7.80
N GLY A 154 23.52 -21.38 -6.73
CA GLY A 154 22.28 -20.60 -6.65
C GLY A 154 21.07 -21.33 -7.17
N VAL A 155 21.28 -22.47 -7.78
CA VAL A 155 20.23 -23.27 -8.39
C VAL A 155 20.00 -24.46 -7.48
N GLY A 156 18.97 -24.35 -6.65
CA GLY A 156 18.54 -25.44 -5.79
C GLY A 156 17.54 -26.33 -6.52
N ARG A 157 16.87 -27.18 -5.74
CA ARG A 157 15.95 -28.15 -6.32
C ARG A 157 14.78 -27.47 -7.05
N TYR A 158 14.29 -26.34 -6.53
CA TYR A 158 13.19 -25.63 -7.17
C TYR A 158 13.63 -25.01 -8.50
N THR A 159 14.70 -24.21 -8.49
CA THR A 159 15.12 -23.53 -9.71
C THR A 159 15.54 -24.52 -10.81
N ALA A 160 16.22 -25.61 -10.41
CA ALA A 160 16.65 -26.61 -11.38
C ALA A 160 15.46 -27.26 -12.07
N GLY A 161 14.43 -27.63 -11.30
CA GLY A 161 13.24 -28.20 -11.87
C GLY A 161 12.42 -27.22 -12.69
N ALA A 162 12.42 -25.94 -12.30
CA ALA A 162 11.78 -24.91 -13.12
C ALA A 162 12.49 -24.76 -14.47
N ILE A 163 13.82 -24.60 -14.46
CA ILE A 163 14.56 -24.47 -15.73
C ILE A 163 14.34 -25.71 -16.60
N ALA A 164 14.49 -26.90 -16.01
CA ALA A 164 14.42 -28.14 -16.79
C ALA A 164 13.02 -28.34 -17.37
N SER A 165 11.96 -28.08 -16.58
CA SER A 165 10.60 -28.32 -17.10
C SER A 165 10.20 -27.24 -18.11
N ILE A 166 10.50 -25.98 -17.83
CA ILE A 166 10.05 -24.90 -18.68
C ILE A 166 10.89 -24.79 -19.94
N ALA A 167 12.20 -24.82 -19.80
CA ALA A 167 13.09 -24.61 -20.95
C ALA A 167 13.26 -25.87 -21.80
N PHE A 168 13.40 -27.04 -21.16
CA PHE A 168 13.73 -28.29 -21.86
C PHE A 168 12.58 -29.29 -21.92
N GLY A 169 11.48 -29.03 -21.23
CA GLY A 169 10.34 -29.93 -21.28
C GLY A 169 10.51 -31.22 -20.51
N GLN A 170 11.42 -31.26 -19.55
CA GLN A 170 11.54 -32.44 -18.71
C GLN A 170 10.38 -32.52 -17.71
N ALA A 171 9.83 -33.73 -17.53
CA ALA A 171 8.71 -33.99 -16.61
C ALA A 171 9.20 -34.11 -15.18
N THR A 172 9.60 -32.97 -14.64
CA THR A 172 10.00 -32.83 -13.26
C THR A 172 9.02 -31.86 -12.61
N GLY A 173 8.51 -32.23 -11.42
CA GLY A 173 7.64 -31.31 -10.69
C GLY A 173 8.43 -30.48 -9.72
N VAL A 174 7.90 -29.31 -9.36
CA VAL A 174 8.55 -28.44 -8.38
C VAL A 174 7.57 -28.06 -7.29
N VAL A 175 8.11 -27.72 -6.11
CA VAL A 175 7.36 -27.17 -4.98
C VAL A 175 8.02 -25.88 -4.52
N ASP A 176 7.33 -24.75 -4.73
CA ASP A 176 7.61 -23.49 -4.05
C ASP A 176 6.53 -23.24 -2.98
N GLY A 177 6.57 -22.06 -2.38
CA GLY A 177 5.57 -21.69 -1.40
C GLY A 177 4.16 -21.81 -1.93
N ASN A 178 3.92 -21.34 -3.16
CA ASN A 178 2.59 -21.40 -3.79
C ASN A 178 2.09 -22.81 -3.93
N VAL A 179 2.94 -23.69 -4.50
CA VAL A 179 2.54 -25.09 -4.73
C VAL A 179 2.32 -25.81 -3.41
N ALA A 180 3.20 -25.58 -2.42
CA ALA A 180 3.01 -26.21 -1.12
C ALA A 180 1.66 -25.83 -0.53
N ARG A 181 1.24 -24.59 -0.70
CA ARG A 181 -0.05 -24.18 -0.15
C ARG A 181 -1.20 -24.89 -0.87
N VAL A 182 -1.19 -24.87 -2.20
CA VAL A 182 -2.17 -25.62 -2.98
C VAL A 182 -2.22 -27.08 -2.55
N LEU A 183 -1.06 -27.75 -2.46
CA LEU A 183 -1.05 -29.19 -2.18
C LEU A 183 -1.48 -29.48 -0.76
N CYS A 184 -1.05 -28.68 0.20
CA CYS A 184 -1.50 -28.90 1.57
C CYS A 184 -3.01 -28.70 1.72
N ARG A 185 -3.63 -27.86 0.89
CA ARG A 185 -5.08 -27.73 0.98
C ARG A 185 -5.77 -28.85 0.22
N VAL A 186 -5.31 -29.15 -1.01
CA VAL A 186 -5.93 -30.20 -1.81
C VAL A 186 -5.88 -31.54 -1.09
N ARG A 187 -4.79 -31.83 -0.38
CA ARG A 187 -4.66 -33.12 0.31
C ARG A 187 -4.86 -33.01 1.81
N ALA A 188 -5.25 -31.84 2.32
CA ALA A 188 -5.49 -31.60 3.75
C ALA A 188 -4.33 -32.09 4.63
N ILE A 189 -3.16 -31.52 4.38
CA ILE A 189 -1.95 -31.83 5.13
C ILE A 189 -1.79 -30.77 6.21
N GLY A 190 -1.93 -31.15 7.47
CA GLY A 190 -1.93 -30.17 8.55
C GLY A 190 -0.60 -30.10 9.30
N ALA A 191 0.22 -31.12 9.12
CA ALA A 191 1.55 -31.14 9.71
C ALA A 191 2.43 -30.02 9.17
N ASP A 192 3.52 -29.76 9.89
CA ASP A 192 4.47 -28.70 9.56
C ASP A 192 5.11 -28.93 8.20
N PRO A 193 4.95 -28.02 7.23
CA PRO A 193 5.51 -28.27 5.89
C PRO A 193 7.03 -28.23 5.84
N SER A 194 7.68 -27.54 6.78
CA SER A 194 9.15 -27.51 6.79
C SER A 194 9.74 -28.86 7.21
N SER A 195 8.99 -29.69 7.93
CA SER A 195 9.49 -30.99 8.34
C SER A 195 9.89 -31.84 7.15
N THR A 196 10.87 -32.72 7.36
CA THR A 196 11.41 -33.55 6.29
C THR A 196 10.36 -34.53 5.77
N LEU A 197 9.55 -35.08 6.66
CA LEU A 197 8.49 -35.98 6.21
C LEU A 197 7.52 -35.26 5.27
N VAL A 198 7.11 -34.04 5.64
CA VAL A 198 6.08 -33.36 4.87
C VAL A 198 6.66 -32.86 3.56
N SER A 199 7.83 -32.23 3.63
CA SER A 199 8.48 -31.76 2.42
C SER A 199 8.65 -32.89 1.43
N GLN A 200 8.93 -34.09 1.93
CA GLN A 200 9.06 -35.23 1.04
C GLN A 200 7.73 -35.58 0.40
N GLN A 201 6.63 -35.56 1.16
CA GLN A 201 5.31 -35.83 0.59
C GLN A 201 4.94 -34.83 -0.50
N LEU A 202 5.25 -33.53 -0.26
CA LEU A 202 4.91 -32.49 -1.24
C LEU A 202 5.67 -32.68 -2.55
N TRP A 203 6.97 -32.98 -2.49
CA TRP A 203 7.72 -33.23 -3.73
C TRP A 203 7.22 -34.48 -4.45
N GLY A 204 6.83 -35.53 -3.71
CA GLY A 204 6.29 -36.70 -4.38
C GLY A 204 4.97 -36.42 -5.04
N LEU A 205 4.11 -35.65 -4.35
CA LEU A 205 2.85 -35.25 -4.96
C LEU A 205 3.11 -34.49 -6.24
N ALA A 206 4.03 -33.54 -6.19
CA ALA A 206 4.30 -32.74 -7.37
C ALA A 206 4.84 -33.60 -8.50
N GLN A 207 5.61 -34.63 -8.17
CA GLN A 207 6.16 -35.48 -9.21
C GLN A 207 5.08 -36.39 -9.77
N GLN A 208 4.16 -36.85 -8.92
CA GLN A 208 3.04 -37.62 -9.44
C GLN A 208 2.18 -36.79 -10.38
N LEU A 209 1.88 -35.52 -9.98
CA LEU A 209 0.92 -34.71 -10.74
C LEU A 209 1.51 -34.12 -12.02
N VAL A 210 2.82 -33.82 -12.06
CA VAL A 210 3.31 -33.00 -13.17
C VAL A 210 2.97 -33.65 -14.51
N ASP A 211 2.35 -32.88 -15.41
CA ASP A 211 1.86 -33.40 -16.69
C ASP A 211 3.03 -33.81 -17.59
N PRO A 212 3.10 -35.06 -18.05
CA PRO A 212 4.28 -35.45 -18.85
C PRO A 212 4.40 -34.73 -20.18
N ALA A 213 3.29 -34.39 -20.85
CA ALA A 213 3.34 -33.69 -22.14
C ALA A 213 3.55 -32.18 -22.01
N ARG A 214 3.05 -31.54 -20.94
CA ARG A 214 3.21 -30.10 -20.72
C ARG A 214 3.75 -29.84 -19.31
N PRO A 215 4.92 -30.40 -18.99
CA PRO A 215 5.41 -30.27 -17.61
C PRO A 215 5.69 -28.82 -17.24
N GLY A 216 6.21 -28.03 -18.17
CA GLY A 216 6.55 -26.65 -17.84
C GLY A 216 5.32 -25.82 -17.54
N ASP A 217 4.30 -25.93 -18.41
CA ASP A 217 3.07 -25.19 -18.19
C ASP A 217 2.34 -25.68 -16.95
N PHE A 218 2.38 -26.99 -16.69
CA PHE A 218 1.76 -27.48 -15.48
C PHE A 218 2.39 -26.83 -14.26
N ASN A 219 3.73 -26.82 -14.18
CA ASN A 219 4.40 -26.22 -13.02
C ASN A 219 4.07 -24.74 -12.91
N GLN A 220 4.10 -24.02 -14.04
CA GLN A 220 3.72 -22.60 -13.99
C GLN A 220 2.25 -22.42 -13.59
N ALA A 221 1.41 -23.38 -13.96
CA ALA A 221 0.00 -23.30 -13.64
C ALA A 221 -0.24 -23.51 -12.16
N ALA A 222 0.47 -24.46 -11.56
CA ALA A 222 0.31 -24.70 -10.13
C ALA A 222 0.78 -23.48 -9.34
N MET A 223 1.88 -22.86 -9.77
CA MET A 223 2.36 -21.68 -9.06
C MET A 223 1.39 -20.53 -9.24
N GLU A 224 0.87 -20.37 -10.45
CA GLU A 224 -0.11 -19.34 -10.76
C GLU A 224 -1.37 -19.48 -9.93
N LEU A 225 -1.84 -20.71 -9.76
CA LEU A 225 -3.03 -20.96 -8.95
C LEU A 225 -2.79 -20.53 -7.53
N GLY A 226 -1.63 -20.91 -6.99
CA GLY A 226 -1.30 -20.51 -5.64
C GLY A 226 -1.13 -19.01 -5.49
N ALA A 227 -0.84 -18.31 -6.57
CA ALA A 227 -0.57 -16.89 -6.48
C ALA A 227 -1.80 -16.02 -6.71
N THR A 228 -2.83 -16.52 -7.40
CA THR A 228 -3.96 -15.71 -7.82
C THR A 228 -5.30 -16.26 -7.41
N VAL A 229 -5.40 -17.53 -7.06
CA VAL A 229 -6.65 -18.16 -6.66
C VAL A 229 -6.53 -18.72 -5.24
N CYS A 230 -5.62 -19.68 -5.06
CA CYS A 230 -5.47 -20.38 -3.79
C CYS A 230 -4.44 -19.61 -2.94
N THR A 231 -4.87 -18.42 -2.54
CA THR A 231 -3.97 -17.44 -1.95
C THR A 231 -3.86 -17.65 -0.44
N PRO A 232 -2.87 -17.02 0.20
CA PRO A 232 -2.73 -17.17 1.66
C PRO A 232 -3.99 -16.87 2.43
N GLN A 233 -4.70 -15.80 2.06
CA GLN A 233 -5.96 -15.46 2.66
C GLN A 233 -6.98 -15.21 1.56
N ARG A 234 -8.25 -15.35 1.91
CA ARG A 234 -9.37 -15.12 1.01
C ARG A 234 -9.20 -15.85 -0.32
N PRO A 235 -8.87 -17.15 -0.29
CA PRO A 235 -8.79 -17.91 -1.54
C PRO A 235 -10.13 -17.93 -2.26
N LEU A 236 -10.05 -17.98 -3.58
CA LEU A 236 -11.22 -17.89 -4.44
C LEU A 236 -11.74 -19.27 -4.84
N CYS A 237 -12.00 -20.13 -3.85
CA CYS A 237 -12.38 -21.52 -4.11
C CYS A 237 -13.49 -21.65 -5.12
N SER A 238 -14.46 -20.74 -5.11
CA SER A 238 -15.60 -20.85 -6.00
C SER A 238 -15.24 -20.65 -7.46
N GLN A 239 -14.10 -20.04 -7.77
CA GLN A 239 -13.57 -19.96 -9.14
C GLN A 239 -12.33 -20.85 -9.34
N CYS A 240 -12.11 -21.75 -8.48
CA CYS A 240 -10.88 -22.52 -8.57
C CYS A 240 -11.06 -23.73 -9.51
N PRO A 241 -10.15 -23.98 -10.44
CA PRO A 241 -10.33 -25.11 -11.36
C PRO A 241 -10.30 -26.48 -10.70
N VAL A 242 -9.74 -26.64 -9.50
CA VAL A 242 -9.58 -27.96 -8.90
C VAL A 242 -10.45 -28.13 -7.66
N GLU A 243 -11.46 -27.25 -7.48
CA GLU A 243 -12.31 -27.23 -6.29
C GLU A 243 -12.91 -28.61 -5.94
N SER A 244 -13.40 -29.33 -6.93
CA SER A 244 -14.05 -30.62 -6.67
C SER A 244 -13.08 -31.70 -6.24
N LEU A 245 -11.78 -31.48 -6.47
CA LEU A 245 -10.75 -32.42 -6.06
C LEU A 245 -10.08 -32.00 -4.76
N CYS A 246 -10.44 -30.85 -4.20
CA CYS A 246 -9.71 -30.30 -3.05
C CYS A 246 -10.31 -30.78 -1.72
N ARG A 247 -9.51 -31.47 -0.91
CA ARG A 247 -10.06 -31.97 0.35
C ARG A 247 -10.43 -30.86 1.32
N ALA A 248 -9.66 -29.79 1.39
CA ALA A 248 -10.00 -28.76 2.36
C ALA A 248 -11.33 -28.12 1.99
N ARG A 249 -11.51 -27.83 0.70
CA ARG A 249 -12.75 -27.27 0.21
C ARG A 249 -13.93 -28.18 0.52
N GLN A 250 -13.79 -29.48 0.29
CA GLN A 250 -14.91 -30.38 0.53
C GLN A 250 -15.26 -30.40 2.00
N ARG A 251 -14.28 -30.27 2.87
CA ARG A 251 -14.63 -30.17 4.28
C ARG A 251 -15.30 -28.84 4.61
N VAL A 252 -14.83 -27.72 4.03
CA VAL A 252 -15.49 -26.43 4.27
C VAL A 252 -16.93 -26.43 3.76
N GLU A 253 -17.18 -27.03 2.59
CA GLU A 253 -18.55 -27.01 2.07
C GLU A 253 -19.50 -27.72 3.01
N GLN A 254 -19.05 -28.84 3.63
CA GLN A 254 -19.89 -29.53 4.61
C GLN A 254 -20.11 -28.67 5.84
N GLU A 255 -19.08 -27.95 6.28
CA GLU A 255 -19.20 -27.18 7.52
C GLU A 255 -19.95 -25.85 7.33
N GLN A 256 -19.94 -25.28 6.12
CA GLN A 256 -20.77 -24.12 5.82
C GLN A 256 -22.24 -24.36 6.13
N LEU A 257 -22.70 -25.61 6.02
CA LEU A 257 -24.10 -25.96 6.17
C LEU A 257 -24.51 -26.25 7.60
N LEU A 258 -23.56 -26.56 8.46
CA LEU A 258 -23.88 -26.95 9.84
C LEU A 258 -24.72 -25.88 10.52
N ALA A 259 -25.93 -26.27 10.92
CA ALA A 259 -26.86 -25.34 11.55
C ALA A 259 -26.70 -25.27 13.07
N SER A 260 -25.75 -26.01 13.64
CA SER A 260 -25.41 -25.93 15.05
C SER A 260 -23.91 -26.03 15.20
N GLY A 261 -23.37 -25.28 16.16
CA GLY A 261 -21.96 -25.43 16.50
C GLY A 261 -21.63 -26.89 16.80
N SER A 262 -20.34 -27.19 16.93
CA SER A 262 -19.85 -28.54 17.23
C SER A 262 -18.88 -28.46 18.42
N LEU A 263 -19.39 -28.71 19.63
CA LEU A 263 -18.56 -28.62 20.85
C LEU A 263 -18.93 -29.69 21.90
N PRO A 288 -6.55 -29.89 15.52
CA PRO A 288 -6.40 -28.43 15.68
C PRO A 288 -7.22 -27.64 14.63
N TRP A 289 -8.04 -28.32 13.82
CA TRP A 289 -8.82 -27.61 12.78
C TRP A 289 -9.77 -26.58 13.40
N ASP A 290 -9.61 -25.32 12.98
CA ASP A 290 -10.42 -24.19 13.39
C ASP A 290 -11.43 -23.88 12.29
N GLN A 291 -12.71 -24.14 12.57
CA GLN A 291 -13.75 -24.04 11.55
C GLN A 291 -13.78 -22.64 10.92
N THR A 292 -13.57 -21.59 11.71
CA THR A 292 -13.61 -20.21 11.21
C THR A 292 -12.53 -19.90 10.18
N LEU A 293 -11.44 -20.68 10.15
CA LEU A 293 -10.39 -20.45 9.16
C LEU A 293 -10.66 -21.15 7.84
N GLY A 294 -11.48 -22.20 7.83
CA GLY A 294 -11.76 -22.91 6.60
C GLY A 294 -10.49 -23.49 5.98
N VAL A 295 -10.30 -23.30 4.68
CA VAL A 295 -9.17 -23.95 4.02
C VAL A 295 -7.85 -23.31 4.45
N VAL A 296 -7.90 -22.09 5.00
CA VAL A 296 -6.71 -21.42 5.46
C VAL A 296 -6.12 -22.08 6.71
N ASN A 297 -6.80 -23.08 7.28
CA ASN A 297 -6.15 -23.98 8.24
C ASN A 297 -4.88 -24.59 7.70
N PHE A 298 -4.81 -24.78 6.36
CA PHE A 298 -3.65 -25.37 5.74
C PHE A 298 -2.98 -24.35 4.85
N PRO A 299 -1.65 -24.36 4.75
CA PRO A 299 -0.69 -25.15 5.55
C PRO A 299 -0.55 -24.60 6.97
N ARG A 300 -0.01 -25.40 7.89
CA ARG A 300 0.26 -24.92 9.26
C ARG A 300 1.18 -23.71 9.19
N LYS A 301 0.74 -22.60 9.77
CA LYS A 301 1.51 -21.35 9.73
C LYS A 301 2.89 -21.53 10.36
N ALA A 302 3.94 -21.48 9.54
CA ALA A 302 5.31 -21.48 10.05
C ALA A 302 5.60 -20.17 10.75
N SER A 303 6.13 -20.24 11.98
CA SER A 303 6.41 -19.06 12.78
C SER A 303 7.89 -18.69 12.68
N ARG A 304 8.17 -17.45 12.27
CA ARG A 304 9.55 -17.01 12.14
C ARG A 304 10.16 -16.71 13.51
N LYS A 305 11.43 -17.06 13.66
CA LYS A 305 12.19 -16.64 14.82
C LYS A 305 12.32 -15.11 14.81
N PRO A 306 12.11 -14.43 15.95
CA PRO A 306 12.20 -12.97 15.95
C PRO A 306 13.60 -12.51 15.61
N PRO A 307 13.76 -11.32 15.05
CA PRO A 307 15.08 -10.86 14.61
C PRO A 307 15.97 -10.31 15.74
N ARG A 308 17.27 -10.57 15.62
CA ARG A 308 18.29 -9.98 16.48
C ARG A 308 18.32 -8.45 16.31
N GLU A 309 18.33 -7.71 17.41
CA GLU A 309 18.42 -6.25 17.34
C GLU A 309 19.88 -5.86 17.26
N GLU A 310 20.18 -4.89 16.41
CA GLU A 310 21.54 -4.39 16.24
C GLU A 310 21.47 -2.90 15.97
N SER A 311 22.56 -2.21 16.28
CA SER A 311 22.57 -0.76 16.04
C SER A 311 23.94 -0.34 15.57
N SER A 312 23.94 0.74 14.83
CA SER A 312 25.14 1.20 14.16
C SER A 312 24.98 2.69 14.01
N ALA A 313 26.05 3.36 13.67
CA ALA A 313 25.98 4.78 13.40
C ALA A 313 26.67 4.99 12.08
N THR A 314 26.13 5.90 11.29
CA THR A 314 26.60 6.09 9.94
C THR A 314 26.60 7.58 9.66
N CYS A 315 27.46 8.03 8.75
CA CYS A 315 27.55 9.45 8.47
C CYS A 315 27.61 9.71 6.98
N VAL A 316 26.79 10.65 6.53
CA VAL A 316 26.83 11.14 5.16
C VAL A 316 27.76 12.36 5.14
N LEU A 317 28.84 12.28 4.38
CA LEU A 317 29.80 13.37 4.29
C LEU A 317 29.67 14.00 2.90
N GLU A 318 29.42 15.29 2.87
CA GLU A 318 29.09 16.01 1.64
C GLU A 318 30.12 17.09 1.39
N GLN A 319 30.51 17.25 0.14
CA GLN A 319 31.41 18.33 -0.22
C GLN A 319 31.04 18.85 -1.60
N PRO A 320 31.31 20.13 -1.86
CA PRO A 320 31.03 20.67 -3.20
C PRO A 320 31.85 19.94 -4.27
N GLY A 321 31.42 20.07 -5.51
CA GLY A 321 32.11 19.43 -6.60
C GLY A 321 31.82 20.12 -7.91
N ALA A 322 32.71 19.88 -8.89
CA ALA A 322 32.57 20.52 -10.20
C ALA A 322 31.22 20.21 -10.82
N LEU A 323 30.90 18.93 -10.95
CA LEU A 323 29.66 18.47 -11.56
C LEU A 323 28.53 18.31 -10.55
N GLY A 324 28.63 18.99 -9.41
CA GLY A 324 27.65 18.92 -8.35
C GLY A 324 28.24 18.39 -7.04
N ALA A 325 27.44 18.55 -5.99
CA ALA A 325 27.85 18.08 -4.67
C ALA A 325 28.06 16.56 -4.67
N GLN A 326 28.98 16.10 -3.82
CA GLN A 326 29.33 14.70 -3.73
C GLN A 326 29.25 14.21 -2.30
N ILE A 327 28.94 12.93 -2.13
CA ILE A 327 28.92 12.29 -0.84
C ILE A 327 29.85 11.08 -0.90
N LEU A 328 30.35 10.67 0.27
CA LEU A 328 31.40 9.66 0.36
C LEU A 328 30.80 8.28 0.59
N LEU A 329 31.14 7.34 -0.28
CA LEU A 329 30.75 5.95 -0.12
C LEU A 329 31.99 5.08 0.03
N VAL A 330 31.90 4.06 0.89
CA VAL A 330 32.96 3.07 1.05
C VAL A 330 32.39 1.67 0.82
N GLN A 331 33.24 0.72 0.44
CA GLN A 331 32.76 -0.58 -0.01
C GLN A 331 32.83 -1.59 1.14
N ARG A 332 31.75 -2.36 1.32
CA ARG A 332 31.69 -3.36 2.37
C ARG A 332 32.56 -4.56 1.98
N PRO A 333 32.99 -5.36 2.95
CA PRO A 333 33.76 -6.58 2.64
C PRO A 333 32.94 -7.51 1.77
N ASN A 334 33.65 -8.32 0.98
CA ASN A 334 33.07 -9.24 0.00
C ASN A 334 32.46 -10.52 0.65
N SER A 335 32.18 -10.47 1.96
CA SER A 335 31.53 -11.57 2.68
C SER A 335 30.50 -11.01 3.63
N GLY A 336 29.57 -11.87 4.05
CA GLY A 336 28.65 -11.51 5.13
C GLY A 336 27.49 -10.66 4.65
N LEU A 337 26.99 -9.82 5.57
CA LEU A 337 25.83 -9.00 5.28
C LEU A 337 26.14 -8.01 4.15
N LEU A 338 25.23 -7.94 3.17
CA LEU A 338 25.33 -6.95 2.09
C LEU A 338 26.71 -6.95 1.48
N ALA A 339 27.19 -8.16 1.21
CA ALA A 339 28.57 -8.38 0.80
C ALA A 339 28.92 -7.56 -0.41
N GLY A 340 30.00 -6.80 -0.31
CA GLY A 340 30.47 -6.04 -1.46
C GLY A 340 29.66 -4.81 -1.85
N LEU A 341 28.55 -4.52 -1.18
CA LEU A 341 27.82 -3.31 -1.56
C LEU A 341 28.47 -2.07 -0.96
N TRP A 342 28.10 -0.92 -1.49
CA TRP A 342 28.57 0.37 -1.00
C TRP A 342 27.62 0.96 0.05
N GLU A 343 28.19 1.78 0.94
CA GLU A 343 27.51 2.27 2.13
C GLU A 343 28.19 3.56 2.58
N PHE A 344 27.44 4.33 3.41
CA PHE A 344 28.08 5.45 4.07
C PHE A 344 28.95 4.90 5.18
N PRO A 345 30.07 5.57 5.48
CA PRO A 345 30.95 5.09 6.54
C PRO A 345 30.20 4.89 7.86
N SER A 346 30.47 3.78 8.51
CA SER A 346 29.67 3.31 9.62
C SER A 346 30.59 2.77 10.71
N VAL A 347 30.12 2.90 11.94
CA VAL A 347 30.81 2.33 13.08
C VAL A 347 29.77 1.66 13.93
N THR A 348 30.25 0.79 14.82
CA THR A 348 29.31 0.17 15.72
C THR A 348 28.86 1.16 16.78
N TRP A 349 27.80 0.76 17.47
CA TRP A 349 27.20 1.60 18.48
CA TRP A 349 27.18 1.58 18.50
C TRP A 349 28.18 1.84 19.62
N GLU A 350 28.03 3.00 20.27
CA GLU A 350 28.82 3.42 21.43
C GLU A 350 27.91 3.86 22.57
N PRO A 351 28.33 3.63 23.81
CA PRO A 351 27.43 3.83 24.95
C PRO A 351 27.28 5.26 25.43
N SER A 352 27.79 6.24 24.67
CA SER A 352 27.53 7.65 24.93
C SER A 352 27.63 8.41 23.61
N GLU A 353 26.91 9.52 23.55
CA GLU A 353 26.97 10.40 22.38
C GLU A 353 28.38 10.83 22.05
N GLN A 354 29.18 11.15 23.08
CA GLN A 354 30.53 11.68 22.82
C GLN A 354 31.41 10.60 22.23
N LEU A 355 31.34 9.38 22.78
CA LEU A 355 32.11 8.27 22.21
C LEU A 355 31.66 7.96 20.78
N GLN A 356 30.36 8.09 20.50
CA GLN A 356 29.84 7.74 19.17
C GLN A 356 30.42 8.71 18.14
N ARG A 357 30.41 10.00 18.48
CA ARG A 357 30.95 11.01 17.58
C ARG A 357 32.44 10.81 17.37
N LYS A 358 33.16 10.42 18.42
CA LYS A 358 34.59 10.21 18.29
C LYS A 358 34.90 9.04 17.37
N ALA A 359 34.18 7.93 17.52
CA ALA A 359 34.39 6.78 16.63
C ALA A 359 34.04 7.11 15.17
N LEU A 360 32.92 7.81 14.96
CA LEU A 360 32.51 8.16 13.61
C LEU A 360 33.55 9.05 12.94
N LEU A 361 34.02 10.09 13.64
CA LEU A 361 35.02 10.97 13.05
C LEU A 361 36.33 10.24 12.78
N GLN A 362 36.70 9.32 13.65
CA GLN A 362 37.89 8.50 13.38
C GLN A 362 37.68 7.71 12.09
N GLU A 363 36.54 7.02 11.95
CA GLU A 363 36.26 6.30 10.72
C GLU A 363 36.26 7.24 9.52
N LEU A 364 35.59 8.39 9.64
CA LEU A 364 35.48 9.30 8.49
C LEU A 364 36.83 9.80 8.09
N GLN A 365 37.71 10.03 9.06
CA GLN A 365 39.02 10.58 8.73
C GLN A 365 39.93 9.57 8.04
N ARG A 366 39.71 8.26 8.21
CA ARG A 366 40.44 7.29 7.41
C ARG A 366 40.32 7.56 5.91
N TRP A 367 39.19 8.14 5.47
CA TRP A 367 38.87 8.24 4.06
C TRP A 367 38.97 9.65 3.50
N ALA A 368 38.73 10.66 4.34
CA ALA A 368 38.66 12.04 3.90
C ALA A 368 39.72 12.97 4.47
N GLY A 369 40.55 12.50 5.41
CA GLY A 369 41.50 13.36 6.10
C GLY A 369 40.86 14.11 7.25
N PRO A 370 41.59 15.03 7.89
CA PRO A 370 41.03 15.70 9.08
C PRO A 370 39.78 16.51 8.73
N LEU A 371 38.80 16.45 9.64
CA LEU A 371 37.47 17.00 9.43
C LEU A 371 37.06 17.83 10.63
N PRO A 372 36.21 18.86 10.42
CA PRO A 372 35.71 19.72 11.51
C PRO A 372 34.65 19.04 12.37
N ALA A 373 35.06 18.64 13.57
CA ALA A 373 34.19 17.87 14.46
C ALA A 373 32.96 18.66 14.93
N THR A 374 33.07 19.98 15.00
CA THR A 374 31.93 20.77 15.44
C THR A 374 30.84 20.88 14.38
N HIS A 375 31.13 20.56 13.12
CA HIS A 375 30.08 20.54 12.12
C HIS A 375 29.32 19.22 12.04
N LEU A 376 29.66 18.20 12.86
CA LEU A 376 28.97 16.92 12.79
C LEU A 376 27.59 16.99 13.45
N ARG A 377 26.55 16.52 12.72
CA ARG A 377 25.17 16.64 13.18
C ARG A 377 24.50 15.28 13.31
N HIS A 378 23.78 15.07 14.40
CA HIS A 378 22.93 13.89 14.55
C HIS A 378 21.57 14.19 13.91
N LEU A 379 21.23 13.47 12.83
CA LEU A 379 20.09 13.90 12.00
C LEU A 379 18.82 13.11 12.26
N GLY A 380 18.94 11.88 12.71
CA GLY A 380 17.78 11.00 12.88
C GLY A 380 18.23 9.54 12.96
N GLU A 381 17.28 8.63 12.76
CA GLU A 381 17.61 7.21 12.73
C GLU A 381 16.74 6.52 11.68
N VAL A 382 17.22 5.36 11.26
CA VAL A 382 16.52 4.49 10.33
C VAL A 382 16.45 3.12 10.97
N VAL A 383 15.27 2.53 10.98
CA VAL A 383 15.09 1.17 11.47
C VAL A 383 14.82 0.30 10.26
N HIS A 384 15.79 -0.54 9.93
CA HIS A 384 15.74 -1.36 8.73
C HIS A 384 15.61 -2.83 9.11
N THR A 385 14.67 -3.51 8.48
CA THR A 385 14.39 -4.91 8.74
C THR A 385 15.04 -5.81 7.68
N PHE A 386 15.92 -6.68 8.12
CA PHE A 386 16.35 -7.83 7.36
C PHE A 386 15.58 -9.03 7.88
N SER A 387 15.69 -10.18 7.20
CA SER A 387 14.97 -11.37 7.68
C SER A 387 15.42 -11.76 9.09
N HIS A 388 16.72 -11.63 9.41
CA HIS A 388 17.27 -12.10 10.68
C HIS A 388 17.83 -11.00 11.60
N ILE A 389 17.81 -9.73 11.18
CA ILE A 389 18.34 -8.62 11.96
C ILE A 389 17.36 -7.46 11.81
N LYS A 390 17.03 -6.79 12.91
CA LYS A 390 16.40 -5.47 12.89
C LYS A 390 17.51 -4.48 13.25
N LEU A 391 17.98 -3.74 12.26
CA LEU A 391 19.14 -2.88 12.40
C LEU A 391 18.70 -1.42 12.49
N THR A 392 19.07 -0.77 13.57
CA THR A 392 18.76 0.64 13.79
C THR A 392 20.01 1.46 13.50
N TYR A 393 19.96 2.30 12.46
CA TYR A 393 21.09 3.16 12.11
C TYR A 393 20.85 4.55 12.69
N GLN A 394 21.83 5.06 13.43
CA GLN A 394 21.80 6.46 13.83
C GLN A 394 22.49 7.23 12.72
N VAL A 395 21.77 8.19 12.14
CA VAL A 395 22.22 8.90 10.94
C VAL A 395 22.83 10.23 11.34
N TYR A 396 24.02 10.51 10.83
CA TYR A 396 24.77 11.71 11.03
C TYR A 396 25.08 12.34 9.68
N GLY A 397 25.30 13.64 9.66
CA GLY A 397 25.75 14.29 8.46
C GLY A 397 26.80 15.31 8.80
N LEU A 398 27.64 15.58 7.82
CA LEU A 398 28.69 16.59 7.98
C LEU A 398 28.95 17.13 6.58
N ALA A 399 28.61 18.39 6.38
CA ALA A 399 28.79 19.08 5.13
C ALA A 399 30.02 19.97 5.22
N LEU A 400 30.98 19.76 4.33
CA LEU A 400 32.17 20.59 4.25
C LEU A 400 31.88 21.84 3.43
N GLU A 401 32.40 22.99 3.89
CA GLU A 401 32.14 24.27 3.24
C GLU A 401 32.98 24.49 1.98
N GLY A 402 34.14 23.84 1.88
CA GLY A 402 34.99 23.92 0.69
C GLY A 402 35.04 22.63 -0.11
N THR A 408 42.97 13.60 -2.38
CA THR A 408 42.97 12.30 -3.05
C THR A 408 42.06 11.29 -2.29
N VAL A 409 41.75 10.15 -2.92
CA VAL A 409 40.73 9.21 -2.43
C VAL A 409 41.35 7.83 -2.27
N PRO A 410 41.43 7.27 -1.07
CA PRO A 410 41.99 5.93 -0.94
C PRO A 410 41.15 4.92 -1.72
N PRO A 411 41.73 3.79 -2.05
CA PRO A 411 40.93 2.74 -2.68
C PRO A 411 39.98 2.13 -1.67
N GLY A 412 38.84 1.67 -2.17
CA GLY A 412 37.75 1.26 -1.32
C GLY A 412 36.81 2.39 -0.96
N ALA A 413 37.05 3.61 -1.49
CA ALA A 413 36.23 4.79 -1.31
C ALA A 413 35.89 5.44 -2.65
N ARG A 414 34.73 6.10 -2.69
CA ARG A 414 34.20 6.73 -3.90
C ARG A 414 33.45 7.97 -3.46
N TRP A 415 33.63 9.06 -4.19
CA TRP A 415 32.79 10.24 -4.06
C TRP A 415 31.81 10.22 -5.22
N LEU A 416 30.53 10.37 -4.90
CA LEU A 416 29.45 10.25 -5.87
C LEU A 416 28.53 11.46 -5.80
N THR A 417 28.02 11.87 -6.96
CA THR A 417 26.95 12.84 -7.07
C THR A 417 25.62 12.17 -6.74
N GLN A 418 24.59 12.99 -6.55
CA GLN A 418 23.27 12.44 -6.25
C GLN A 418 22.77 11.51 -7.35
N GLU A 419 23.06 11.84 -8.61
CA GLU A 419 22.62 10.98 -9.72
C GLU A 419 23.39 9.65 -9.75
N GLU A 420 24.71 9.70 -9.48
CA GLU A 420 25.53 8.49 -9.43
C GLU A 420 25.14 7.60 -8.26
N PHE A 421 24.72 8.19 -7.15
CA PHE A 421 24.35 7.39 -5.99
C PHE A 421 23.05 6.64 -6.24
N HIS A 422 22.10 7.25 -6.94
N HIS A 422 22.10 7.29 -6.94
CA HIS A 422 20.83 6.57 -7.11
CA HIS A 422 20.80 6.70 -7.23
C HIS A 422 20.87 5.43 -8.12
C HIS A 422 20.92 5.41 -8.04
N THR A 423 21.98 5.28 -8.85
CA THR A 423 22.24 4.10 -9.68
C THR A 423 23.28 3.17 -9.09
N ALA A 424 23.84 3.51 -7.93
CA ALA A 424 24.98 2.75 -7.44
C ALA A 424 24.50 1.48 -6.76
N ALA A 425 25.44 0.57 -6.54
CA ALA A 425 25.18 -0.70 -5.85
C ALA A 425 25.17 -0.44 -4.35
N VAL A 426 24.02 0.05 -3.88
CA VAL A 426 23.81 0.35 -2.46
C VAL A 426 22.55 -0.36 -2.00
N SER A 427 22.60 -0.90 -0.79
CA SER A 427 21.42 -1.49 -0.19
C SER A 427 20.30 -0.44 -0.01
N THR A 428 19.07 -0.94 0.13
CA THR A 428 17.95 -0.06 0.40
C THR A 428 18.11 0.64 1.76
N ALA A 429 18.74 -0.03 2.73
CA ALA A 429 19.00 0.59 4.04
C ALA A 429 19.76 1.90 3.86
N MET A 430 20.78 1.89 3.00
CA MET A 430 21.55 3.12 2.82
C MET A 430 20.76 4.16 2.01
N LYS A 431 19.85 3.73 1.14
CA LYS A 431 19.01 4.69 0.43
C LYS A 431 18.08 5.41 1.42
N LYS A 432 17.59 4.68 2.43
CA LYS A 432 16.82 5.29 3.50
C LYS A 432 17.65 6.28 4.31
N VAL A 433 18.89 5.90 4.60
CA VAL A 433 19.80 6.80 5.30
C VAL A 433 19.98 8.08 4.51
N PHE A 434 20.22 7.95 3.21
CA PHE A 434 20.41 9.17 2.42
C PHE A 434 19.18 10.06 2.49
N ARG A 435 17.96 9.47 2.52
CA ARG A 435 16.75 10.29 2.52
C ARG A 435 16.59 11.03 3.83
N VAL A 436 17.10 10.47 4.93
CA VAL A 436 17.12 11.22 6.18
C VAL A 436 18.04 12.41 6.07
N TYR A 437 19.23 12.17 5.54
CA TYR A 437 20.16 13.27 5.32
C TYR A 437 19.53 14.34 4.46
N GLN A 438 18.91 13.92 3.34
CA GLN A 438 18.35 14.87 2.40
C GLN A 438 17.31 15.78 3.04
N GLY A 439 16.45 15.20 3.87
CA GLY A 439 15.40 15.95 4.51
C GLY A 439 15.81 16.76 5.72
N GLN A 440 16.93 16.41 6.37
CA GLN A 440 17.26 16.94 7.70
C GLN A 440 18.56 17.74 7.81
N GLN A 441 19.53 17.53 6.93
CA GLN A 441 20.79 18.27 6.99
C GLN A 441 20.58 19.73 6.61
N PRO A 442 20.80 20.68 7.52
CA PRO A 442 20.59 22.10 7.16
C PRO A 442 21.52 22.49 6.02
N GLY A 443 20.97 23.14 5.00
CA GLY A 443 21.78 23.71 3.94
C GLY A 443 22.29 22.75 2.89
N THR A 444 21.89 21.47 2.93
CA THR A 444 22.37 20.55 1.91
C THR A 444 21.87 20.94 0.54
N CYS A 445 22.69 20.62 -0.46
CA CYS A 445 22.33 20.77 -1.87
C CYS A 445 21.84 19.46 -2.49
N MET A 446 22.11 18.32 -1.85
CA MET A 446 21.73 16.98 -2.31
C MET A 446 20.22 16.72 -2.28
N GLY A 447 19.37 17.68 -1.91
CA GLY A 447 17.94 17.42 -1.83
C GLY A 447 17.22 17.51 -3.17
N TYR D 24 -0.06 31.47 24.68
CA TYR D 24 -0.94 32.61 24.49
C TYR D 24 -0.18 33.77 23.85
N HIS D 25 -0.05 33.74 22.52
CA HIS D 25 0.67 34.78 21.77
C HIS D 25 0.66 34.42 20.30
N LEU D 26 0.80 35.45 19.46
CA LEU D 26 0.80 35.39 18.00
C LEU D 26 2.20 35.78 17.49
N PHE D 27 2.34 35.98 16.19
CA PHE D 27 3.58 36.56 15.65
C PHE D 27 3.74 37.99 16.16
N ARG D 28 4.91 38.32 16.69
CA ARG D 28 5.16 39.64 17.28
C ARG D 28 5.83 40.61 16.33
N ASP D 29 6.40 40.17 15.22
CA ASP D 29 7.18 41.04 14.34
C ASP D 29 6.54 41.02 12.96
N VAL D 30 6.20 42.19 12.43
CA VAL D 30 5.58 42.23 11.10
C VAL D 30 6.52 41.64 10.07
N ALA D 31 7.82 41.83 10.25
CA ALA D 31 8.78 41.25 9.31
C ALA D 31 8.66 39.72 9.23
N GLU D 32 8.29 39.06 10.35
CA GLU D 32 8.19 37.61 10.32
C GLU D 32 6.94 37.18 9.55
N VAL D 33 5.83 37.91 9.73
CA VAL D 33 4.60 37.68 8.96
C VAL D 33 4.89 37.87 7.48
N THR D 34 5.59 38.96 7.15
CA THR D 34 5.88 39.26 5.75
C THR D 34 6.77 38.19 5.13
N ALA D 35 7.77 37.73 5.86
CA ALA D 35 8.66 36.71 5.34
C ALA D 35 7.92 35.40 5.14
N PHE D 36 7.06 35.04 6.11
CA PHE D 36 6.31 33.80 6.03
C PHE D 36 5.43 33.77 4.79
N ARG D 37 4.68 34.85 4.57
CA ARG D 37 3.82 34.92 3.40
C ARG D 37 4.62 34.85 2.11
N GLY D 38 5.67 35.67 2.01
CA GLY D 38 6.42 35.70 0.78
C GLY D 38 7.09 34.37 0.49
N SER D 39 7.74 33.78 1.49
CA SER D 39 8.42 32.49 1.31
C SER D 39 7.44 31.42 0.89
N LEU D 40 6.31 31.34 1.59
CA LEU D 40 5.33 30.30 1.30
C LEU D 40 4.73 30.47 -0.09
N LEU D 41 4.44 31.69 -0.50
CA LEU D 41 3.79 31.88 -1.80
C LEU D 41 4.78 31.65 -2.95
N SER D 42 6.03 32.06 -2.78
CA SER D 42 7.06 31.74 -3.78
C SER D 42 7.17 30.24 -3.98
N TRP D 43 7.23 29.49 -2.88
CA TRP D 43 7.33 28.05 -3.00
C TRP D 43 6.10 27.46 -3.69
N TYR D 44 4.92 27.98 -3.36
CA TYR D 44 3.69 27.40 -3.91
C TYR D 44 3.61 27.64 -5.42
N ASP D 45 3.99 28.84 -5.85
CA ASP D 45 3.89 29.15 -7.27
C ASP D 45 4.79 28.23 -8.09
N GLN D 46 5.87 27.72 -7.50
CA GLN D 46 6.74 26.78 -8.19
C GLN D 46 6.32 25.31 -8.07
N GLU D 47 5.71 24.91 -6.94
CA GLU D 47 5.58 23.50 -6.56
C GLU D 47 4.15 23.00 -6.49
N LYS D 48 3.15 23.83 -6.73
CA LYS D 48 1.78 23.40 -6.46
C LYS D 48 1.41 22.23 -7.36
N ARG D 49 0.67 21.29 -6.79
CA ARG D 49 0.11 20.20 -7.57
C ARG D 49 -0.93 20.74 -8.55
N ASP D 50 -1.03 20.09 -9.70
CA ASP D 50 -2.05 20.37 -10.70
C ASP D 50 -3.28 19.53 -10.35
N LEU D 51 -4.36 20.17 -9.94
CA LEU D 51 -5.52 19.44 -9.47
C LEU D 51 -6.77 19.92 -10.17
N PRO D 52 -7.73 19.03 -10.43
CA PRO D 52 -8.89 19.46 -11.23
C PRO D 52 -9.69 20.59 -10.61
N TRP D 53 -9.83 20.65 -9.28
CA TRP D 53 -10.60 21.74 -8.69
C TRP D 53 -9.82 23.05 -8.72
N ARG D 54 -8.49 22.99 -8.74
CA ARG D 54 -7.71 24.21 -8.90
C ARG D 54 -7.86 24.78 -10.30
N ARG D 55 -7.88 23.93 -11.33
CA ARG D 55 -8.12 24.43 -12.68
C ARG D 55 -9.50 25.11 -12.79
N ARG D 56 -10.55 24.45 -12.33
CA ARG D 56 -11.87 25.07 -12.37
C ARG D 56 -11.92 26.39 -11.60
N ALA D 57 -11.31 26.42 -10.41
CA ALA D 57 -11.36 27.65 -9.61
C ALA D 57 -10.72 28.80 -10.35
N GLU D 58 -9.76 28.49 -11.22
CA GLU D 58 -9.02 29.52 -11.94
C GLU D 58 -9.70 29.90 -13.25
N ASP D 59 -10.36 28.97 -13.91
CA ASP D 59 -10.93 29.24 -15.23
C ASP D 59 -12.39 29.66 -15.19
N GLU D 60 -13.13 29.38 -14.11
CA GLU D 60 -14.54 29.76 -14.03
C GLU D 60 -14.65 31.24 -13.68
N MET D 61 -15.30 32.01 -14.54
CA MET D 61 -15.41 33.44 -14.32
C MET D 61 -16.74 33.85 -13.72
N ASP D 62 -17.77 33.08 -14.00
CA ASP D 62 -19.02 33.17 -13.28
C ASP D 62 -18.78 32.74 -11.83
N LEU D 63 -19.07 33.64 -10.87
CA LEU D 63 -18.71 33.35 -9.48
C LEU D 63 -19.60 32.27 -8.87
N ASP D 64 -20.84 32.12 -9.32
CA ASP D 64 -21.62 31.03 -8.75
C ASP D 64 -21.13 29.67 -9.24
N ARG D 65 -20.61 29.59 -10.47
CA ARG D 65 -20.03 28.33 -10.94
C ARG D 65 -18.69 28.08 -10.24
N ARG D 66 -17.86 29.14 -10.08
CA ARG D 66 -16.58 29.00 -9.43
C ARG D 66 -16.74 28.52 -7.99
N ALA D 67 -17.66 29.14 -7.25
CA ALA D 67 -17.80 28.79 -5.84
C ALA D 67 -18.42 27.41 -5.67
N TYR D 68 -19.30 27.00 -6.59
CA TYR D 68 -19.82 25.64 -6.55
C TYR D 68 -18.68 24.61 -6.72
N ALA D 69 -17.79 24.84 -7.68
CA ALA D 69 -16.66 23.96 -7.94
C ALA D 69 -15.74 23.85 -6.73
N VAL D 70 -15.46 24.98 -6.09
CA VAL D 70 -14.64 24.95 -4.88
C VAL D 70 -15.36 24.21 -3.78
N TRP D 71 -16.65 24.53 -3.58
CA TRP D 71 -17.45 23.93 -2.51
C TRP D 71 -17.44 22.41 -2.57
N VAL D 72 -17.73 21.83 -3.75
CA VAL D 72 -17.76 20.37 -3.91
C VAL D 72 -16.41 19.78 -3.52
N SER D 73 -15.31 20.39 -3.99
CA SER D 73 -13.99 19.85 -3.74
C SER D 73 -13.66 19.91 -2.25
N GLU D 74 -14.05 21.00 -1.58
CA GLU D 74 -13.73 21.14 -0.17
C GLU D 74 -14.57 20.21 0.66
N VAL D 75 -15.82 19.98 0.27
CA VAL D 75 -16.61 18.98 1.01
C VAL D 75 -15.99 17.58 0.83
N MET D 76 -15.57 17.24 -0.41
CA MET D 76 -15.00 15.93 -0.67
C MET D 76 -13.68 15.74 0.05
N LEU D 77 -12.93 16.82 0.26
CA LEU D 77 -11.64 16.76 0.94
C LEU D 77 -11.75 16.68 2.45
N GLN D 78 -12.92 16.75 3.03
CA GLN D 78 -12.99 16.65 4.50
C GLN D 78 -12.63 15.23 4.92
N GLN D 79 -11.57 15.11 5.73
CA GLN D 79 -11.13 13.82 6.25
C GLN D 79 -10.92 12.81 5.12
N THR D 80 -10.41 13.30 3.99
CA THR D 80 -10.24 12.45 2.82
C THR D 80 -9.02 12.98 2.08
N GLN D 81 -8.19 12.07 1.59
CA GLN D 81 -6.96 12.51 0.95
C GLN D 81 -7.20 12.92 -0.49
N VAL D 82 -6.37 13.86 -0.93
CA VAL D 82 -6.45 14.42 -2.29
C VAL D 82 -6.50 13.31 -3.33
N ALA D 83 -5.57 12.36 -3.23
CA ALA D 83 -5.47 11.35 -4.28
C ALA D 83 -6.75 10.54 -4.40
N THR D 84 -7.46 10.33 -3.27
CA THR D 84 -8.73 9.60 -3.37
C THR D 84 -9.82 10.47 -4.01
N VAL D 85 -9.81 11.76 -3.70
CA VAL D 85 -10.90 12.63 -4.13
C VAL D 85 -10.87 12.84 -5.64
N ILE D 86 -9.69 12.84 -6.26
CA ILE D 86 -9.58 13.26 -7.66
C ILE D 86 -10.64 12.60 -8.55
N ASN D 87 -10.78 11.26 -8.46
CA ASN D 87 -11.68 10.61 -9.42
C ASN D 87 -13.15 10.84 -9.08
N TYR D 88 -13.47 10.90 -7.78
CA TYR D 88 -14.82 11.23 -7.38
C TYR D 88 -15.20 12.64 -7.86
N TYR D 89 -14.26 13.58 -7.79
CA TYR D 89 -14.58 14.95 -8.18
C TYR D 89 -14.87 15.10 -9.68
N THR D 90 -13.99 14.57 -10.54
CA THR D 90 -14.26 14.64 -11.98
C THR D 90 -15.58 13.97 -12.35
N GLY D 91 -15.90 12.82 -11.76
CA GLY D 91 -17.19 12.21 -12.04
C GLY D 91 -18.34 13.07 -11.57
N TRP D 92 -18.22 13.63 -10.37
CA TRP D 92 -19.29 14.49 -9.86
C TRP D 92 -19.53 15.67 -10.80
N MET D 93 -18.47 16.38 -11.14
CA MET D 93 -18.62 17.60 -11.91
C MET D 93 -19.05 17.31 -13.35
N GLN D 94 -18.70 16.13 -13.88
CA GLN D 94 -19.15 15.76 -15.21
C GLN D 94 -20.66 15.61 -15.22
N LYS D 95 -21.19 15.00 -14.17
CA LYS D 95 -22.63 14.80 -14.08
C LYS D 95 -23.37 16.07 -13.68
N TRP D 96 -22.83 16.84 -12.73
CA TRP D 96 -23.54 17.98 -12.13
C TRP D 96 -22.61 19.16 -12.10
N PRO D 97 -22.42 19.82 -13.23
CA PRO D 97 -21.44 20.91 -13.30
C PRO D 97 -21.93 22.21 -12.67
N THR D 98 -23.21 22.32 -12.31
CA THR D 98 -23.70 23.54 -11.64
C THR D 98 -24.60 23.18 -10.47
N LEU D 99 -24.79 24.17 -9.60
CA LEU D 99 -25.76 24.10 -8.50
C LEU D 99 -27.12 23.62 -8.99
N GLN D 100 -27.58 24.18 -10.11
CA GLN D 100 -28.89 23.84 -10.67
C GLN D 100 -28.96 22.37 -11.04
N ASP D 101 -27.94 21.85 -11.72
CA ASP D 101 -27.89 20.41 -12.00
C ASP D 101 -27.95 19.62 -10.71
N LEU D 102 -27.11 19.97 -9.74
CA LEU D 102 -27.12 19.22 -8.48
C LEU D 102 -28.49 19.31 -7.81
N ALA D 103 -29.10 20.50 -7.81
CA ALA D 103 -30.36 20.61 -7.07
C ALA D 103 -31.45 19.70 -7.65
N SER D 104 -31.43 19.45 -8.97
CA SER D 104 -32.43 18.57 -9.61
C SER D 104 -32.20 17.09 -9.29
N ALA D 105 -30.96 16.70 -9.01
CA ALA D 105 -30.62 15.31 -8.81
C ALA D 105 -31.32 14.77 -7.57
N SER D 106 -31.47 13.45 -7.53
CA SER D 106 -32.01 12.75 -6.38
C SER D 106 -30.89 12.36 -5.43
N LEU D 107 -31.28 12.15 -4.17
CA LEU D 107 -30.31 11.76 -3.16
C LEU D 107 -29.75 10.37 -3.49
N GLU D 108 -30.60 9.48 -4.00
CA GLU D 108 -30.18 8.16 -4.45
C GLU D 108 -29.04 8.27 -5.45
N GLU D 109 -29.17 9.17 -6.41
CA GLU D 109 -28.09 9.39 -7.37
C GLU D 109 -26.84 9.94 -6.70
N VAL D 110 -27.02 10.86 -5.75
CA VAL D 110 -25.88 11.43 -5.04
C VAL D 110 -25.13 10.34 -4.27
N ASN D 111 -25.87 9.47 -3.58
CA ASN D 111 -25.22 8.39 -2.85
C ASN D 111 -24.51 7.41 -3.78
N GLN D 112 -25.06 7.19 -4.98
CA GLN D 112 -24.37 6.34 -5.95
C GLN D 112 -23.02 6.91 -6.29
N LEU D 113 -22.93 8.23 -6.51
CA LEU D 113 -21.64 8.79 -6.85
CA LEU D 113 -21.64 8.79 -6.85
C LEU D 113 -20.71 8.85 -5.64
N TRP D 114 -21.27 9.00 -4.42
CA TRP D 114 -20.48 9.08 -3.19
C TRP D 114 -19.99 7.72 -2.70
N ALA D 115 -20.58 6.62 -3.19
CA ALA D 115 -20.30 5.29 -2.68
C ALA D 115 -18.79 5.04 -2.68
N GLY D 116 -18.25 4.73 -1.49
CA GLY D 116 -16.82 4.48 -1.34
C GLY D 116 -16.04 5.64 -0.76
N LEU D 117 -16.60 6.84 -0.80
CA LEU D 117 -15.90 8.04 -0.33
C LEU D 117 -15.95 8.17 1.19
N GLY D 118 -16.97 7.65 1.86
CA GLY D 118 -17.07 7.76 3.29
C GLY D 118 -17.84 9.01 3.73
N TYR D 119 -18.17 9.04 5.02
CA TYR D 119 -18.96 10.10 5.65
C TYR D 119 -20.02 10.64 4.69
N TYR D 120 -21.09 9.86 4.51
CA TYR D 120 -22.03 10.06 3.43
C TYR D 120 -22.97 11.24 3.65
N SER D 121 -23.19 11.68 4.89
CA SER D 121 -23.89 12.96 5.10
C SER D 121 -23.26 14.11 4.34
N ARG D 122 -21.99 14.01 3.97
CA ARG D 122 -21.41 15.09 3.21
C ARG D 122 -22.09 15.27 1.87
N GLY D 123 -22.37 14.16 1.18
CA GLY D 123 -23.03 14.23 -0.12
C GLY D 123 -24.47 14.70 -0.01
N ARG D 124 -25.18 14.23 0.99
CA ARG D 124 -26.57 14.67 1.19
C ARG D 124 -26.62 16.17 1.43
N ARG D 125 -25.74 16.68 2.31
CA ARG D 125 -25.79 18.08 2.68
C ARG D 125 -25.35 18.94 1.51
N LEU D 126 -24.39 18.47 0.73
CA LEU D 126 -24.04 19.19 -0.49
C LEU D 126 -25.27 19.42 -1.37
N GLN D 127 -26.05 18.36 -1.57
CA GLN D 127 -27.25 18.43 -2.41
C GLN D 127 -28.32 19.35 -1.80
N GLU D 128 -28.57 19.24 -0.48
CA GLU D 128 -29.56 20.12 0.16
C GLU D 128 -29.12 21.58 0.08
N GLY D 129 -27.85 21.85 0.38
CA GLY D 129 -27.33 23.20 0.21
C GLY D 129 -27.52 23.75 -1.20
N ALA D 130 -27.29 22.92 -2.21
CA ALA D 130 -27.51 23.39 -3.58
C ALA D 130 -28.97 23.78 -3.82
N ARG D 131 -29.90 22.92 -3.36
CA ARG D 131 -31.32 23.19 -3.47
C ARG D 131 -31.67 24.48 -2.76
N LYS D 132 -31.10 24.69 -1.56
CA LYS D 132 -31.37 25.92 -0.80
C LYS D 132 -30.90 27.11 -1.60
N VAL D 133 -29.69 27.03 -2.16
CA VAL D 133 -29.16 28.15 -2.93
C VAL D 133 -30.07 28.43 -4.11
N VAL D 134 -30.53 27.37 -4.79
CA VAL D 134 -31.35 27.57 -5.99
C VAL D 134 -32.71 28.14 -5.62
N GLU D 135 -33.32 27.61 -4.56
CA GLU D 135 -34.70 27.93 -4.23
C GLU D 135 -34.89 29.07 -3.25
N GLU D 136 -33.85 29.48 -2.50
CA GLU D 136 -33.97 30.50 -1.47
C GLU D 136 -33.08 31.66 -1.73
N LEU D 137 -32.11 31.50 -2.63
CA LEU D 137 -31.14 32.55 -2.90
C LEU D 137 -31.04 32.81 -4.39
N GLY D 138 -32.04 32.37 -5.15
CA GLY D 138 -32.06 32.65 -6.57
C GLY D 138 -30.87 32.10 -7.31
N GLY D 139 -30.22 31.06 -6.78
CA GLY D 139 -29.08 30.48 -7.44
C GLY D 139 -27.75 31.15 -7.14
N HIS D 140 -27.72 32.12 -6.26
CA HIS D 140 -26.53 32.93 -6.01
C HIS D 140 -25.83 32.48 -4.72
N MET D 141 -24.55 32.13 -4.83
CA MET D 141 -23.81 31.70 -3.67
C MET D 141 -23.50 32.92 -2.80
N PRO D 142 -23.68 32.82 -1.49
CA PRO D 142 -23.16 33.86 -0.59
C PRO D 142 -21.65 33.98 -0.75
N ARG D 143 -21.13 35.16 -0.40
CA ARG D 143 -19.77 35.56 -0.82
C ARG D 143 -18.81 35.81 0.32
N THR D 144 -19.18 35.50 1.54
CA THR D 144 -18.26 35.69 2.64
C THR D 144 -18.32 34.46 3.51
N ALA D 145 -17.24 34.26 4.26
CA ALA D 145 -17.15 33.05 5.07
C ALA D 145 -18.26 32.97 6.09
N GLU D 146 -18.62 34.12 6.70
CA GLU D 146 -19.64 34.08 7.75
C GLU D 146 -20.99 33.66 7.18
N THR D 147 -21.38 34.21 6.03
CA THR D 147 -22.69 33.81 5.51
C THR D 147 -22.65 32.41 4.87
N LEU D 148 -21.53 32.02 4.24
CA LEU D 148 -21.42 30.63 3.79
C LEU D 148 -21.67 29.68 4.94
N GLN D 149 -20.96 29.86 6.05
CA GLN D 149 -21.13 28.95 7.17
C GLN D 149 -22.55 29.00 7.72
N GLN D 150 -23.11 30.21 7.86
CA GLN D 150 -24.47 30.35 8.37
C GLN D 150 -25.50 29.62 7.52
N LEU D 151 -25.42 29.72 6.20
CA LEU D 151 -26.51 29.24 5.35
C LEU D 151 -26.40 27.78 4.90
N LEU D 152 -25.21 27.21 4.80
CA LEU D 152 -25.03 25.96 4.05
C LEU D 152 -24.75 24.79 5.00
N PRO D 153 -25.67 23.84 5.10
CA PRO D 153 -25.36 22.64 5.87
C PRO D 153 -24.12 21.96 5.30
N GLY D 154 -23.28 21.44 6.20
CA GLY D 154 -22.06 20.73 5.79
C GLY D 154 -20.87 21.64 5.54
N VAL D 155 -21.10 22.95 5.58
CA VAL D 155 -20.05 23.93 5.39
C VAL D 155 -19.74 24.51 6.77
N GLY D 156 -18.64 24.06 7.37
CA GLY D 156 -18.18 24.57 8.63
C GLY D 156 -17.24 25.75 8.45
N ARG D 157 -16.54 26.07 9.54
CA ARG D 157 -15.62 27.19 9.51
C ARG D 157 -14.52 26.99 8.49
N TYR D 158 -13.98 25.76 8.39
CA TYR D 158 -12.88 25.56 7.44
C TYR D 158 -13.38 25.65 6.00
N THR D 159 -14.48 24.95 5.68
CA THR D 159 -14.99 24.98 4.31
C THR D 159 -15.45 26.38 3.91
N ALA D 160 -16.10 27.09 4.81
CA ALA D 160 -16.56 28.45 4.51
C ALA D 160 -15.39 29.35 4.13
N GLY D 161 -14.33 29.33 4.94
CA GLY D 161 -13.18 30.16 4.65
C GLY D 161 -12.42 29.70 3.43
N ALA D 162 -12.47 28.40 3.13
CA ALA D 162 -11.84 27.90 1.91
C ALA D 162 -12.57 28.39 0.67
N ILE D 163 -13.92 28.26 0.64
CA ILE D 163 -14.67 28.83 -0.48
C ILE D 163 -14.46 30.34 -0.56
N ALA D 164 -14.60 31.03 0.58
CA ALA D 164 -14.55 32.49 0.54
C ALA D 164 -13.20 33.01 0.06
N SER D 165 -12.09 32.42 0.52
CA SER D 165 -10.79 32.91 0.09
C SER D 165 -10.47 32.49 -1.36
N ILE D 166 -10.72 31.22 -1.72
CA ILE D 166 -10.37 30.74 -3.07
C ILE D 166 -11.29 31.33 -4.13
N ALA D 167 -12.60 31.24 -3.93
CA ALA D 167 -13.53 31.66 -4.98
C ALA D 167 -13.74 33.18 -5.02
N PHE D 168 -13.78 33.85 -3.86
CA PHE D 168 -14.15 35.25 -3.81
C PHE D 168 -13.03 36.17 -3.35
N GLY D 169 -11.88 35.62 -2.94
CA GLY D 169 -10.76 36.45 -2.55
C GLY D 169 -10.89 37.13 -1.20
N GLN D 170 -11.74 36.64 -0.31
CA GLN D 170 -11.79 37.19 1.04
C GLN D 170 -10.57 36.74 1.84
N ALA D 171 -9.93 37.69 2.54
CA ALA D 171 -8.75 37.42 3.38
C ALA D 171 -9.16 36.84 4.73
N THR D 172 -9.58 35.60 4.66
CA THR D 172 -9.94 34.76 5.80
C THR D 172 -8.97 33.60 5.82
N GLY D 173 -8.39 33.33 6.97
CA GLY D 173 -7.45 32.22 7.11
C GLY D 173 -8.17 30.99 7.68
N VAL D 174 -7.72 29.82 7.27
CA VAL D 174 -8.36 28.57 7.66
C VAL D 174 -7.34 27.66 8.33
N VAL D 175 -7.84 26.76 9.18
CA VAL D 175 -7.03 25.78 9.89
C VAL D 175 -7.65 24.43 9.64
N ASP D 176 -6.92 23.57 8.93
CA ASP D 176 -7.19 22.15 8.85
C ASP D 176 -6.04 21.40 9.54
N GLY D 177 -6.08 20.08 9.48
CA GLY D 177 -5.01 19.29 10.08
C GLY D 177 -3.64 19.65 9.53
N ASN D 178 -3.55 19.86 8.22
CA ASN D 178 -2.28 20.25 7.61
C ASN D 178 -1.77 21.54 8.22
N VAL D 179 -2.60 22.57 8.24
CA VAL D 179 -2.19 23.88 8.76
C VAL D 179 -1.90 23.80 10.25
N ALA D 180 -2.72 23.08 11.01
CA ALA D 180 -2.45 22.94 12.44
C ALA D 180 -1.08 22.33 12.69
N ARG D 181 -0.67 21.37 11.84
CA ARG D 181 0.63 20.75 12.02
C ARG D 181 1.75 21.74 11.73
N VAL D 182 1.65 22.43 10.59
CA VAL D 182 2.64 23.47 10.26
C VAL D 182 2.76 24.51 11.39
N LEU D 183 1.63 25.00 11.88
CA LEU D 183 1.66 26.13 12.82
C LEU D 183 2.15 25.69 14.19
N CYS D 184 1.80 24.50 14.63
CA CYS D 184 2.28 24.01 15.91
C CYS D 184 3.80 23.79 15.88
N ARG D 185 4.36 23.41 14.74
CA ARG D 185 5.80 23.30 14.65
C ARG D 185 6.44 24.68 14.53
N VAL D 186 5.90 25.53 13.67
CA VAL D 186 6.50 26.84 13.44
C VAL D 186 6.49 27.69 14.71
N ARG D 187 5.52 27.49 15.59
CA ARG D 187 5.41 28.26 16.81
C ARG D 187 5.67 27.39 18.04
N ALA D 188 6.13 26.16 17.83
CA ALA D 188 6.46 25.25 18.92
C ALA D 188 5.33 25.19 19.93
N ILE D 189 4.14 24.89 19.45
CA ILE D 189 2.97 24.79 20.31
C ILE D 189 2.83 23.32 20.70
N GLY D 190 3.03 23.03 21.99
CA GLY D 190 3.01 21.67 22.48
C GLY D 190 1.76 21.24 23.22
N ALA D 191 0.85 22.17 23.52
CA ALA D 191 -0.40 21.78 24.16
C ALA D 191 -1.31 21.04 23.16
N ASP D 192 -2.36 20.40 23.68
CA ASP D 192 -3.27 19.63 22.83
C ASP D 192 -3.89 20.55 21.77
N PRO D 193 -3.73 20.27 20.47
CA PRO D 193 -4.30 21.16 19.45
C PRO D 193 -5.81 21.19 19.45
N SER D 194 -6.45 20.23 20.11
CA SER D 194 -7.92 20.18 20.14
C SER D 194 -8.53 21.05 21.24
N SER D 195 -7.79 21.32 22.31
CA SER D 195 -8.27 22.19 23.37
C SER D 195 -8.76 23.51 22.81
N THR D 196 -9.83 24.03 23.42
CA THR D 196 -10.46 25.23 22.89
C THR D 196 -9.45 26.36 22.75
N LEU D 197 -8.54 26.48 23.72
CA LEU D 197 -7.59 27.59 23.75
C LEU D 197 -6.50 27.46 22.68
N VAL D 198 -6.02 26.25 22.41
CA VAL D 198 -5.03 26.10 21.36
C VAL D 198 -5.68 26.30 19.98
N SER D 199 -6.85 25.72 19.77
CA SER D 199 -7.56 25.96 18.51
C SER D 199 -7.74 27.45 18.26
N GLN D 200 -8.12 28.20 19.29
CA GLN D 200 -8.27 29.66 19.15
C GLN D 200 -6.95 30.32 18.75
N GLN D 201 -5.86 29.92 19.40
CA GLN D 201 -4.55 30.40 18.98
C GLN D 201 -4.24 30.01 17.53
N LEU D 202 -4.56 28.77 17.14
CA LEU D 202 -4.27 28.35 15.76
C LEU D 202 -5.03 29.18 14.74
N TRP D 203 -6.33 29.40 14.98
CA TRP D 203 -7.13 30.23 14.07
C TRP D 203 -6.71 31.70 14.13
N GLY D 204 -6.37 32.21 15.32
CA GLY D 204 -5.76 33.53 15.39
C GLY D 204 -4.53 33.66 14.51
N LEU D 205 -3.62 32.69 14.61
CA LEU D 205 -2.42 32.71 13.76
C LEU D 205 -2.78 32.67 12.28
N ALA D 206 -3.72 31.79 11.90
CA ALA D 206 -4.08 31.70 10.48
C ALA D 206 -4.62 33.02 9.99
N GLN D 207 -5.49 33.65 10.79
CA GLN D 207 -6.05 34.93 10.36
C GLN D 207 -4.98 36.02 10.30
N GLN D 208 -3.99 35.98 11.18
CA GLN D 208 -2.91 36.96 11.10
C GLN D 208 -2.05 36.75 9.86
N LEU D 209 -1.77 35.49 9.50
CA LEU D 209 -0.82 35.25 8.41
C LEU D 209 -1.44 35.38 7.04
N VAL D 210 -2.74 35.11 6.91
CA VAL D 210 -3.31 34.96 5.57
C VAL D 210 -3.00 36.22 4.76
N ASP D 211 -2.48 36.01 3.55
CA ASP D 211 -2.03 37.09 2.71
C ASP D 211 -3.21 37.91 2.20
N PRO D 212 -3.28 39.22 2.46
CA PRO D 212 -4.46 40.00 2.04
C PRO D 212 -4.66 40.04 0.53
N ALA D 213 -3.59 40.13 -0.26
CA ALA D 213 -3.70 40.14 -1.72
C ALA D 213 -4.02 38.76 -2.29
N ARG D 214 -3.49 37.68 -1.72
CA ARG D 214 -3.65 36.36 -2.31
C ARG D 214 -4.11 35.36 -1.27
N PRO D 215 -5.25 35.61 -0.62
CA PRO D 215 -5.67 34.70 0.48
C PRO D 215 -5.95 33.29 0.04
N GLY D 216 -6.52 33.11 -1.15
CA GLY D 216 -6.87 31.77 -1.60
C GLY D 216 -5.64 30.91 -1.81
N ASP D 217 -4.68 31.43 -2.56
CA ASP D 217 -3.42 30.73 -2.78
C ASP D 217 -2.64 30.60 -1.48
N PHE D 218 -2.72 31.58 -0.58
CA PHE D 218 -2.01 31.43 0.68
C PHE D 218 -2.57 30.25 1.45
N ASN D 219 -3.89 30.16 1.55
CA ASN D 219 -4.47 29.02 2.26
C ASN D 219 -4.13 27.71 1.56
N GLN D 220 -4.18 27.65 0.23
CA GLN D 220 -3.87 26.39 -0.44
C GLN D 220 -2.41 26.02 -0.22
N ALA D 221 -1.56 27.05 -0.16
CA ALA D 221 -0.13 26.83 0.02
C ALA D 221 0.15 26.26 1.40
N ALA D 222 -0.43 26.87 2.44
CA ALA D 222 -0.29 26.34 3.79
C ALA D 222 -0.74 24.89 3.86
N MET D 223 -1.82 24.54 3.17
CA MET D 223 -2.29 23.15 3.22
C MET D 223 -1.39 22.26 2.42
N GLU D 224 -0.93 22.74 1.27
CA GLU D 224 -0.01 21.96 0.45
C GLU D 224 1.30 21.69 1.19
N LEU D 225 1.79 22.70 1.92
CA LEU D 225 3.01 22.54 2.71
C LEU D 225 2.86 21.42 3.73
N GLY D 226 1.74 21.41 4.46
CA GLY D 226 1.48 20.34 5.41
C GLY D 226 1.35 18.98 4.74
N ALA D 227 0.96 18.94 3.47
CA ALA D 227 0.69 17.67 2.82
C ALA D 227 1.92 17.10 2.16
N THR D 228 2.84 17.93 1.72
CA THR D 228 3.95 17.45 0.94
C THR D 228 5.34 17.75 1.56
N VAL D 229 5.45 18.66 2.51
CA VAL D 229 6.78 18.99 3.09
C VAL D 229 6.76 18.81 4.59
N CYS D 230 5.91 19.57 5.30
CA CYS D 230 5.80 19.49 6.76
C CYS D 230 4.84 18.35 7.08
N THR D 231 5.30 17.11 6.80
CA THR D 231 4.43 15.94 6.89
C THR D 231 4.42 15.35 8.29
N PRO D 232 3.43 14.51 8.56
CA PRO D 232 3.30 13.94 9.91
C PRO D 232 4.59 13.31 10.40
N GLN D 233 5.27 12.59 9.50
CA GLN D 233 6.56 12.00 9.77
C GLN D 233 7.53 12.33 8.66
N ARG D 234 8.80 12.24 9.00
CA ARG D 234 9.89 12.48 8.06
C ARG D 234 9.67 13.78 7.29
N PRO D 235 9.36 14.88 7.98
CA PRO D 235 9.17 16.14 7.27
C PRO D 235 10.48 16.55 6.59
N LEU D 236 10.35 17.26 5.48
CA LEU D 236 11.46 17.70 4.63
C LEU D 236 11.99 19.11 4.97
N CYS D 237 12.31 19.35 6.24
CA CYS D 237 12.75 20.63 6.75
C CYS D 237 13.77 21.31 5.85
N SER D 238 14.71 20.55 5.31
CA SER D 238 15.80 21.12 4.52
C SER D 238 15.34 21.69 3.20
N GLN D 239 14.16 21.30 2.73
CA GLN D 239 13.53 21.83 1.52
C GLN D 239 12.38 22.78 1.86
N CYS D 240 12.18 23.06 3.11
CA CYS D 240 10.97 23.79 3.55
C CYS D 240 11.16 25.30 3.35
N PRO D 241 10.20 25.98 2.72
CA PRO D 241 10.39 27.41 2.43
C PRO D 241 10.38 28.30 3.68
N VAL D 242 9.83 27.84 4.81
CA VAL D 242 9.79 28.66 6.01
C VAL D 242 10.68 28.08 7.11
N GLU D 243 11.71 27.30 6.73
CA GLU D 243 12.65 26.64 7.64
C GLU D 243 13.23 27.65 8.62
N SER D 244 13.66 28.79 8.11
CA SER D 244 14.34 29.78 8.92
C SER D 244 13.41 30.46 9.90
N LEU D 245 12.11 30.25 9.79
CA LEU D 245 11.13 30.90 10.67
C LEU D 245 10.57 29.91 11.68
N CYS D 246 10.97 28.65 11.60
CA CYS D 246 10.28 27.59 12.33
C CYS D 246 10.96 27.33 13.68
N ARG D 247 10.21 27.49 14.78
CA ARG D 247 10.81 27.33 16.10
CA ARG D 247 10.80 27.32 16.10
C ARG D 247 11.22 25.89 16.35
N ALA D 248 10.39 24.92 15.95
CA ALA D 248 10.77 23.52 16.16
C ALA D 248 12.07 23.24 15.43
N ARG D 249 12.15 23.69 14.18
CA ARG D 249 13.35 23.45 13.40
C ARG D 249 14.57 24.13 14.02
N GLN D 250 14.41 25.36 14.50
CA GLN D 250 15.54 26.08 15.08
C GLN D 250 16.10 25.33 16.30
N ARG D 251 15.23 24.78 17.13
CA ARG D 251 15.70 23.97 18.26
C ARG D 251 16.36 22.68 17.79
N VAL D 252 15.79 22.01 16.77
CA VAL D 252 16.45 20.80 16.28
C VAL D 252 17.84 21.11 15.77
N GLU D 253 18.00 22.25 15.10
CA GLU D 253 19.30 22.54 14.50
C GLU D 253 20.38 22.76 15.57
N GLN D 254 20.02 23.21 16.78
CA GLN D 254 21.02 23.28 17.86
C GLN D 254 21.29 21.90 18.42
N GLU D 255 20.24 21.16 18.71
CA GLU D 255 20.40 19.84 19.31
C GLU D 255 21.06 18.85 18.36
N GLN D 256 21.09 19.11 17.05
CA GLN D 256 21.82 18.22 16.15
C GLN D 256 23.32 18.25 16.43
N LEU D 257 23.81 19.35 17.01
CA LEU D 257 25.24 19.60 17.18
C LEU D 257 25.77 19.12 18.53
N LEU D 258 24.92 18.66 19.44
CA LEU D 258 25.36 18.30 20.78
C LEU D 258 25.31 16.81 21.04
N GLU D 287 6.25 20.82 29.00
CA GLU D 287 6.65 20.60 27.62
C GLU D 287 7.62 19.42 27.51
N PRO D 288 7.09 18.14 27.53
CA PRO D 288 7.98 16.96 27.61
C PRO D 288 8.67 16.64 26.29
N TRP D 289 9.62 17.50 25.91
CA TRP D 289 10.28 17.38 24.61
C TRP D 289 11.17 16.15 24.54
N ASP D 290 11.01 15.38 23.46
CA ASP D 290 11.75 14.14 23.20
C ASP D 290 12.73 14.35 22.04
N GLN D 291 14.05 14.28 22.32
CA GLN D 291 15.06 14.65 21.33
C GLN D 291 15.01 13.77 20.09
N THR D 292 14.76 12.47 20.25
CA THR D 292 14.71 11.57 19.09
C THR D 292 13.60 11.93 18.09
N LEU D 293 12.54 12.62 18.53
CA LEU D 293 11.47 12.97 17.62
C LEU D 293 11.70 14.26 16.85
N GLY D 294 12.54 15.17 17.38
CA GLY D 294 12.77 16.44 16.71
C GLY D 294 11.47 17.21 16.49
N VAL D 295 11.28 17.76 15.28
CA VAL D 295 10.12 18.62 15.06
C VAL D 295 8.80 17.86 15.23
N VAL D 296 8.84 16.53 15.12
CA VAL D 296 7.62 15.72 15.20
C VAL D 296 7.06 15.64 16.63
N ASN D 297 7.79 16.17 17.62
CA ASN D 297 7.17 16.47 18.93
C ASN D 297 5.90 17.27 18.81
N PHE D 298 5.80 18.13 17.77
CA PHE D 298 4.59 18.92 17.59
C PHE D 298 3.85 18.51 16.32
N PRO D 299 2.53 18.57 16.31
CA PRO D 299 1.64 18.85 17.45
C PRO D 299 1.63 17.65 18.40
N ARG D 300 1.18 17.81 19.65
CA ARG D 300 1.05 16.68 20.56
C ARG D 300 0.13 15.63 19.94
N LYS D 301 0.61 14.39 19.91
CA LYS D 301 -0.17 13.28 19.37
C LYS D 301 -1.39 13.04 20.24
N ALA D 302 -2.56 13.51 19.79
CA ALA D 302 -3.79 13.23 20.51
C ALA D 302 -4.07 11.72 20.49
N SER D 303 -4.52 11.18 21.62
CA SER D 303 -4.85 9.77 21.74
C SER D 303 -6.35 9.59 21.47
N ARG D 304 -6.68 8.84 20.41
CA ARG D 304 -8.06 8.67 20.01
C ARG D 304 -8.75 7.69 20.95
N LYS D 305 -10.00 8.00 21.30
CA LYS D 305 -10.84 7.04 22.01
C LYS D 305 -10.90 5.76 21.15
N PRO D 306 -10.62 4.58 21.72
CA PRO D 306 -10.55 3.39 20.88
C PRO D 306 -11.93 2.96 20.41
N PRO D 307 -12.04 2.39 19.21
CA PRO D 307 -13.37 2.10 18.67
C PRO D 307 -14.08 1.01 19.44
N ARG D 308 -15.37 1.22 19.61
CA ARG D 308 -16.25 0.17 20.07
C ARG D 308 -16.27 -1.01 19.09
N GLU D 309 -16.48 -2.21 19.62
CA GLU D 309 -16.55 -3.42 18.81
C GLU D 309 -17.99 -3.90 18.76
N GLU D 310 -18.48 -4.16 17.55
CA GLU D 310 -19.83 -4.63 17.32
C GLU D 310 -19.81 -5.78 16.33
N SER D 311 -20.88 -6.55 16.31
CA SER D 311 -20.97 -7.66 15.40
C SER D 311 -22.37 -7.68 14.80
N SER D 312 -22.46 -8.31 13.64
CA SER D 312 -23.69 -8.38 12.87
C SER D 312 -23.60 -9.60 11.96
N ALA D 313 -24.75 -10.10 11.51
CA ALA D 313 -24.80 -11.21 10.57
C ALA D 313 -25.61 -10.77 9.35
N THR D 314 -25.15 -11.16 8.17
CA THR D 314 -25.73 -10.66 6.93
C THR D 314 -25.73 -11.80 5.91
N CYS D 315 -26.70 -11.76 4.99
CA CYS D 315 -26.90 -12.84 4.02
C CYS D 315 -27.05 -12.29 2.62
N VAL D 316 -26.22 -12.84 1.71
CA VAL D 316 -26.31 -12.57 0.28
C VAL D 316 -27.24 -13.65 -0.28
N LEU D 317 -28.44 -13.25 -0.71
CA LEU D 317 -29.42 -14.16 -1.31
C LEU D 317 -29.40 -13.98 -2.82
N GLU D 318 -29.12 -15.07 -3.54
CA GLU D 318 -28.97 -15.09 -4.99
C GLU D 318 -30.08 -15.90 -5.64
N GLN D 319 -30.57 -15.43 -6.80
CA GLN D 319 -31.56 -16.13 -7.61
C GLN D 319 -31.26 -15.89 -9.08
N PRO D 320 -31.64 -16.81 -9.97
CA PRO D 320 -31.41 -16.58 -11.40
C PRO D 320 -32.39 -15.55 -11.92
N GLY D 321 -32.01 -14.92 -13.03
CA GLY D 321 -32.84 -13.88 -13.60
C GLY D 321 -32.59 -13.77 -15.09
N ALA D 322 -33.61 -13.27 -15.80
CA ALA D 322 -33.55 -13.22 -17.26
C ALA D 322 -32.24 -12.57 -17.72
N LEU D 323 -31.91 -11.42 -17.16
CA LEU D 323 -30.68 -10.69 -17.51
C LEU D 323 -29.55 -10.99 -16.55
N GLY D 324 -29.42 -12.21 -16.07
CA GLY D 324 -28.33 -12.61 -15.21
C GLY D 324 -28.75 -12.76 -13.76
N ALA D 325 -27.87 -13.39 -12.99
CA ALA D 325 -28.19 -13.66 -11.59
C ALA D 325 -28.39 -12.35 -10.81
N GLN D 326 -29.36 -12.37 -9.90
CA GLN D 326 -29.64 -11.23 -9.02
C GLN D 326 -29.41 -11.55 -7.55
N ILE D 327 -29.08 -10.51 -6.77
CA ILE D 327 -28.98 -10.60 -5.32
C ILE D 327 -29.90 -9.56 -4.68
N LEU D 328 -30.32 -9.85 -3.45
CA LEU D 328 -31.26 -9.03 -2.71
C LEU D 328 -30.57 -7.96 -1.87
N LEU D 329 -30.94 -6.70 -2.10
CA LEU D 329 -30.50 -5.57 -1.29
C LEU D 329 -31.67 -4.91 -0.61
N VAL D 330 -31.46 -4.46 0.62
CA VAL D 330 -32.46 -3.66 1.31
C VAL D 330 -31.87 -2.34 1.75
N GLN D 331 -32.74 -1.35 1.92
CA GLN D 331 -32.32 0.01 2.21
C GLN D 331 -32.27 0.25 3.71
N ARG D 332 -31.20 0.87 4.17
CA ARG D 332 -31.06 1.19 5.59
C ARG D 332 -31.90 2.41 5.94
N PRO D 333 -32.24 2.58 7.22
CA PRO D 333 -32.97 3.79 7.62
C PRO D 333 -32.21 5.06 7.21
N ASN D 334 -32.97 6.11 6.95
CA ASN D 334 -32.45 7.42 6.54
C ASN D 334 -31.84 8.24 7.71
N SER D 335 -31.42 7.57 8.78
CA SER D 335 -30.72 8.21 9.88
C SER D 335 -29.56 7.34 10.33
N GLY D 336 -28.64 7.90 11.11
CA GLY D 336 -27.64 7.09 11.77
C GLY D 336 -26.51 6.59 10.87
N LEU D 337 -26.02 5.39 11.17
CA LEU D 337 -24.86 4.86 10.47
C LEU D 337 -25.24 4.49 9.03
N LEU D 338 -24.39 4.89 8.05
CA LEU D 338 -24.56 4.55 6.62
C LEU D 338 -26.00 4.82 6.17
N ALA D 339 -26.54 5.94 6.65
CA ALA D 339 -27.96 6.27 6.49
C ALA D 339 -28.36 6.28 5.02
N GLY D 340 -29.46 5.59 4.72
CA GLY D 340 -30.02 5.53 3.38
C GLY D 340 -29.29 4.66 2.38
N LEU D 341 -28.17 4.06 2.77
CA LEU D 341 -27.48 3.20 1.83
C LEU D 341 -28.15 1.84 1.80
N TRP D 342 -27.81 1.08 0.77
CA TRP D 342 -28.33 -0.26 0.56
C TRP D 342 -27.34 -1.28 1.10
N GLU D 343 -27.86 -2.40 1.63
CA GLU D 343 -27.05 -3.44 2.25
C GLU D 343 -27.73 -4.80 2.00
N PHE D 344 -26.97 -5.86 2.24
CA PHE D 344 -27.60 -7.18 2.30
C PHE D 344 -28.38 -7.29 3.61
N PRO D 345 -29.52 -7.98 3.60
CA PRO D 345 -30.31 -8.11 4.83
C PRO D 345 -29.46 -8.63 5.98
N SER D 346 -29.68 -8.04 7.16
CA SER D 346 -28.78 -8.13 8.30
C SER D 346 -29.60 -8.23 9.58
N VAL D 347 -29.04 -8.92 10.57
CA VAL D 347 -29.65 -9.01 11.89
C VAL D 347 -28.53 -8.89 12.91
N THR D 348 -28.95 -8.80 14.17
CA THR D 348 -28.04 -8.76 15.30
C THR D 348 -27.28 -10.06 15.44
N TRP D 349 -26.04 -9.95 15.89
CA TRP D 349 -25.20 -11.14 16.08
C TRP D 349 -25.64 -11.95 17.29
N GLU D 350 -25.62 -13.28 17.14
CA GLU D 350 -25.94 -14.26 18.19
C GLU D 350 -24.79 -15.26 18.26
N PRO D 351 -24.21 -15.50 19.44
CA PRO D 351 -23.17 -16.56 19.53
C PRO D 351 -23.69 -17.95 19.21
N SER D 352 -24.99 -18.19 19.36
CA SER D 352 -25.55 -19.49 18.99
C SER D 352 -25.77 -19.52 17.47
N GLU D 353 -25.10 -20.45 16.79
CA GLU D 353 -25.29 -20.57 15.35
C GLU D 353 -26.75 -20.85 15.04
N GLN D 354 -27.41 -21.71 15.84
CA GLN D 354 -28.78 -22.07 15.54
C GLN D 354 -29.70 -20.85 15.68
N LEU D 355 -29.53 -20.05 16.73
CA LEU D 355 -30.34 -18.85 16.87
C LEU D 355 -29.98 -17.81 15.81
N GLN D 356 -28.69 -17.70 15.48
CA GLN D 356 -28.30 -16.75 14.43
C GLN D 356 -29.02 -17.07 13.13
N ARG D 357 -28.97 -18.32 12.71
CA ARG D 357 -29.60 -18.72 11.46
C ARG D 357 -31.09 -18.48 11.49
N LYS D 358 -31.73 -18.80 12.61
CA LYS D 358 -33.18 -18.61 12.69
C LYS D 358 -33.52 -17.13 12.58
N ALA D 359 -32.74 -16.25 13.24
CA ALA D 359 -33.05 -14.82 13.09
C ALA D 359 -32.84 -14.37 11.66
N LEU D 360 -31.76 -14.84 11.03
CA LEU D 360 -31.41 -14.36 9.70
C LEU D 360 -32.44 -14.80 8.68
N LEU D 361 -32.95 -16.03 8.81
CA LEU D 361 -33.97 -16.48 7.89
C LEU D 361 -35.28 -15.71 8.08
N GLN D 362 -35.63 -15.37 9.33
CA GLN D 362 -36.79 -14.53 9.56
C GLN D 362 -36.65 -13.21 8.81
N GLU D 363 -35.50 -12.58 8.92
CA GLU D 363 -35.27 -11.33 8.23
C GLU D 363 -35.35 -11.51 6.72
N LEU D 364 -34.71 -12.55 6.18
CA LEU D 364 -34.72 -12.75 4.72
C LEU D 364 -36.13 -13.00 4.20
N GLN D 365 -36.94 -13.73 4.96
CA GLN D 365 -38.27 -14.08 4.50
C GLN D 365 -39.23 -12.89 4.51
N ARG D 366 -38.99 -11.87 5.33
CA ARG D 366 -39.71 -10.61 5.16
C ARG D 366 -39.67 -10.14 3.73
N TRP D 367 -38.53 -10.33 3.08
CA TRP D 367 -38.29 -9.71 1.78
C TRP D 367 -38.53 -10.65 0.61
N ALA D 368 -38.41 -11.96 0.81
CA ALA D 368 -38.36 -12.88 -0.31
C ALA D 368 -39.34 -14.04 -0.21
N GLY D 369 -40.14 -14.10 0.85
CA GLY D 369 -41.04 -15.21 1.01
C GLY D 369 -40.30 -16.40 1.57
N PRO D 370 -40.99 -17.53 1.70
CA PRO D 370 -40.38 -18.72 2.34
C PRO D 370 -39.13 -19.19 1.62
N LEU D 371 -38.18 -19.70 2.42
CA LEU D 371 -36.85 -20.04 1.94
C LEU D 371 -36.41 -21.36 2.56
N PRO D 372 -35.62 -22.16 1.84
CA PRO D 372 -35.11 -23.42 2.40
C PRO D 372 -33.95 -23.23 3.40
N ALA D 373 -34.28 -23.20 4.68
CA ALA D 373 -33.27 -23.04 5.73
C ALA D 373 -32.01 -23.89 5.56
N THR D 374 -32.14 -25.17 5.19
CA THR D 374 -30.98 -26.07 5.13
C THR D 374 -29.99 -25.69 4.04
N HIS D 375 -30.33 -24.74 3.19
CA HIS D 375 -29.41 -24.26 2.15
C HIS D 375 -28.56 -23.08 2.61
N LEU D 376 -28.88 -22.49 3.76
CA LEU D 376 -28.14 -21.36 4.29
C LEU D 376 -26.72 -21.77 4.68
N ARG D 377 -25.75 -21.05 4.14
CA ARG D 377 -24.34 -21.34 4.35
C ARG D 377 -23.66 -20.20 5.09
N HIS D 378 -22.92 -20.55 6.12
CA HIS D 378 -21.98 -19.65 6.78
C HIS D 378 -20.68 -19.63 5.97
N LEU D 379 -20.38 -18.50 5.36
CA LEU D 379 -19.30 -18.44 4.40
C LEU D 379 -18.02 -17.86 4.97
N GLY D 380 -18.10 -17.07 6.03
CA GLY D 380 -16.93 -16.32 6.48
C GLY D 380 -17.31 -15.11 7.31
N GLU D 381 -16.35 -14.19 7.41
CA GLU D 381 -16.56 -12.96 8.17
C GLU D 381 -15.73 -11.84 7.56
N VAL D 382 -16.19 -10.62 7.81
CA VAL D 382 -15.54 -9.39 7.36
C VAL D 382 -15.40 -8.49 8.58
N VAL D 383 -14.19 -8.04 8.86
CA VAL D 383 -13.95 -7.06 9.92
C VAL D 383 -13.77 -5.70 9.25
N HIS D 384 -14.70 -4.78 9.46
CA HIS D 384 -14.66 -3.48 8.81
C HIS D 384 -14.51 -2.37 9.84
N THR D 385 -13.60 -1.45 9.58
CA THR D 385 -13.27 -0.38 10.52
C THR D 385 -14.01 0.90 10.13
N PHE D 386 -14.84 1.39 11.04
CA PHE D 386 -15.30 2.76 11.01
C PHE D 386 -14.48 3.59 12.00
N SER D 387 -14.60 4.91 11.91
CA SER D 387 -13.83 5.77 12.82
C SER D 387 -14.10 5.40 14.30
N HIS D 388 -15.36 5.12 14.66
CA HIS D 388 -15.78 4.93 16.05
C HIS D 388 -16.21 3.50 16.36
N ILE D 389 -16.19 2.60 15.37
CA ILE D 389 -16.70 1.23 15.51
C ILE D 389 -15.85 0.32 14.65
N LYS D 390 -15.49 -0.84 15.21
CA LYS D 390 -14.90 -1.96 14.49
C LYS D 390 -15.98 -3.04 14.41
N LEU D 391 -16.50 -3.28 13.20
CA LEU D 391 -17.72 -4.08 13.02
C LEU D 391 -17.37 -5.38 12.31
N THR D 392 -17.66 -6.51 12.98
CA THR D 392 -17.42 -7.85 12.43
C THR D 392 -18.72 -8.41 11.86
N TYR D 393 -18.78 -8.56 10.52
CA TYR D 393 -19.94 -9.16 9.85
C TYR D 393 -19.71 -10.65 9.66
N GLN D 394 -20.60 -11.47 10.21
CA GLN D 394 -20.65 -12.88 9.83
C GLN D 394 -21.42 -12.99 8.51
N VAL D 395 -20.77 -13.56 7.51
CA VAL D 395 -21.28 -13.56 6.13
C VAL D 395 -21.92 -14.90 5.83
N TYR D 396 -23.18 -14.85 5.42
CA TYR D 396 -23.95 -16.00 4.98
C TYR D 396 -24.31 -15.89 3.50
N GLY D 397 -24.54 -17.04 2.88
CA GLY D 397 -25.01 -17.11 1.51
C GLY D 397 -26.14 -18.09 1.37
N LEU D 398 -27.00 -17.81 0.40
CA LEU D 398 -28.15 -18.67 0.09
C LEU D 398 -28.50 -18.50 -1.38
N ALA D 399 -28.22 -19.52 -2.18
CA ALA D 399 -28.51 -19.50 -3.62
C ALA D 399 -29.79 -20.27 -3.90
N LEU D 400 -30.74 -19.62 -4.55
CA LEU D 400 -31.96 -20.30 -4.94
C LEU D 400 -31.84 -20.87 -6.34
N GLU D 401 -32.54 -21.97 -6.56
CA GLU D 401 -32.43 -22.68 -7.83
C GLU D 401 -33.31 -22.07 -8.94
N GLY D 402 -34.53 -21.65 -8.63
CA GLY D 402 -35.42 -21.22 -9.71
C GLY D 402 -36.81 -20.93 -9.23
N GLN D 403 -37.49 -20.06 -10.01
CA GLN D 403 -38.72 -19.41 -9.58
C GLN D 403 -39.70 -19.31 -10.74
CA THR D 408 -43.60 -9.63 -5.82
C THR D 408 -42.34 -9.28 -5.02
N VAL D 409 -42.10 -7.97 -4.87
CA VAL D 409 -40.93 -7.42 -4.18
C VAL D 409 -41.36 -6.23 -3.33
N PRO D 410 -41.22 -6.27 -2.01
CA PRO D 410 -41.73 -5.18 -1.18
C PRO D 410 -41.00 -3.88 -1.43
N PRO D 411 -41.63 -2.75 -1.14
CA PRO D 411 -40.87 -1.49 -1.12
C PRO D 411 -39.73 -1.62 -0.13
N GLY D 412 -38.63 -0.95 -0.43
CA GLY D 412 -37.47 -1.00 0.44
C GLY D 412 -36.54 -2.17 0.16
N ALA D 413 -36.83 -2.96 -0.89
CA ALA D 413 -35.99 -4.06 -1.35
C ALA D 413 -35.83 -4.01 -2.88
N ARG D 414 -34.68 -4.47 -3.34
CA ARG D 414 -34.32 -4.47 -4.75
C ARG D 414 -33.50 -5.71 -5.05
N TRP D 415 -33.77 -6.31 -6.19
CA TRP D 415 -32.95 -7.37 -6.74
C TRP D 415 -32.04 -6.76 -7.79
N LEU D 416 -30.74 -7.03 -7.69
CA LEU D 416 -29.78 -6.39 -8.59
C LEU D 416 -28.83 -7.41 -9.20
N THR D 417 -28.48 -7.20 -10.47
CA THR D 417 -27.41 -7.96 -11.10
C THR D 417 -26.06 -7.55 -10.54
N GLN D 418 -25.03 -8.33 -10.91
CA GLN D 418 -23.68 -8.06 -10.43
C GLN D 418 -23.18 -6.71 -10.92
N GLU D 419 -23.52 -6.36 -12.17
CA GLU D 419 -23.14 -5.05 -12.70
C GLU D 419 -23.91 -3.93 -11.98
N GLU D 420 -25.21 -4.10 -11.73
CA GLU D 420 -25.97 -3.08 -11.01
C GLU D 420 -25.45 -2.92 -9.58
N PHE D 421 -25.04 -4.03 -8.95
CA PHE D 421 -24.56 -3.95 -7.57
C PHE D 421 -23.28 -3.16 -7.49
N HIS D 422 -22.43 -3.31 -8.51
CA HIS D 422 -21.12 -2.67 -8.55
C HIS D 422 -21.20 -1.15 -8.61
N THR D 423 -22.31 -0.59 -9.14
CA THR D 423 -22.52 0.85 -9.19
C THR D 423 -23.61 1.32 -8.23
N ALA D 424 -24.02 0.49 -7.27
CA ALA D 424 -25.10 0.90 -6.39
C ALA D 424 -24.59 1.72 -5.20
N ALA D 425 -25.53 2.36 -4.49
CA ALA D 425 -25.24 3.15 -3.31
C ALA D 425 -25.14 2.18 -2.14
N VAL D 426 -23.99 1.51 -2.07
CA VAL D 426 -23.72 0.53 -1.02
C VAL D 426 -22.40 0.90 -0.38
N SER D 427 -22.30 0.68 0.91
CA SER D 427 -21.06 0.92 1.63
C SER D 427 -19.97 -0.06 1.21
N THR D 428 -18.73 0.36 1.45
CA THR D 428 -17.60 -0.49 1.15
C THR D 428 -17.64 -1.76 1.99
N ALA D 429 -18.19 -1.70 3.21
CA ALA D 429 -18.33 -2.93 3.98
C ALA D 429 -19.15 -3.96 3.21
N MET D 430 -20.25 -3.55 2.60
CA MET D 430 -21.07 -4.51 1.88
C MET D 430 -20.40 -4.98 0.60
N LYS D 431 -19.54 -4.16 -0.01
CA LYS D 431 -18.75 -4.68 -1.13
C LYS D 431 -17.80 -5.77 -0.66
N LYS D 432 -17.18 -5.59 0.52
CA LYS D 432 -16.32 -6.62 1.06
C LYS D 432 -17.11 -7.89 1.33
N VAL D 433 -18.33 -7.73 1.85
CA VAL D 433 -19.20 -8.87 2.13
C VAL D 433 -19.46 -9.66 0.85
N PHE D 434 -19.77 -8.95 -0.22
CA PHE D 434 -20.08 -9.62 -1.48
C PHE D 434 -18.87 -10.38 -2.00
N ARG D 435 -17.67 -9.83 -1.79
CA ARG D 435 -16.47 -10.53 -2.26
C ARG D 435 -16.28 -11.85 -1.52
N VAL D 436 -16.63 -11.89 -0.24
CA VAL D 436 -16.58 -13.16 0.46
C VAL D 436 -17.54 -14.14 -0.19
N TYR D 437 -18.80 -13.69 -0.42
CA TYR D 437 -19.79 -14.51 -1.09
C TYR D 437 -19.26 -15.02 -2.43
N GLN D 438 -18.71 -14.12 -3.25
CA GLN D 438 -18.26 -14.51 -4.58
C GLN D 438 -17.15 -15.55 -4.53
N GLY D 439 -16.32 -15.52 -3.48
CA GLY D 439 -15.16 -16.38 -3.39
C GLY D 439 -15.46 -17.73 -2.77
N GLN D 440 -16.54 -17.80 -1.99
CA GLN D 440 -16.77 -18.93 -1.10
C GLN D 440 -18.07 -19.69 -1.31
N GLN D 441 -19.10 -19.06 -1.86
CA GLN D 441 -20.39 -19.74 -2.05
C GLN D 441 -20.25 -20.80 -3.14
N PRO D 442 -20.47 -22.08 -2.85
CA PRO D 442 -20.35 -23.11 -3.91
C PRO D 442 -21.30 -22.83 -5.07
N GLY D 443 -20.77 -22.88 -6.28
CA GLY D 443 -21.62 -22.83 -7.45
C GLY D 443 -22.21 -21.49 -7.76
N THR D 444 -21.74 -20.41 -7.15
CA THR D 444 -22.36 -19.13 -7.48
C THR D 444 -22.07 -18.75 -8.92
N CYS D 445 -23.05 -18.08 -9.53
CA CYS D 445 -22.91 -17.45 -10.84
C CYS D 445 -22.35 -16.02 -10.76
N MET D 446 -22.24 -15.45 -9.56
CA MET D 446 -21.92 -14.05 -9.37
C MET D 446 -20.41 -13.75 -9.37
N GLY D 447 -19.55 -14.73 -9.59
CA GLY D 447 -18.11 -14.49 -9.52
C GLY D 447 -17.45 -14.23 -10.84
#